data_5BQT
#
_entry.id   5BQT
#
_cell.length_a   82.298
_cell.length_b   235.143
_cell.length_c   63.511
_cell.angle_alpha   90.000
_cell.angle_beta   90.000
_cell.angle_gamma   90.000
#
_symmetry.space_group_name_H-M   'P 21 21 2'
#
loop_
_entity.id
_entity.type
_entity.pdbx_description
1 polymer 'Putative HTH-type transcriptional regulator TrmBL2'
2 non-polymer 'CALCIUM ION'
#
_entity_poly.entity_id   1
_entity_poly.type   'polypeptide(L)'
_entity_poly.pdbx_seq_one_letter_code
;SKDRMVELLQEHFELNLYEARAYVALVAFGVLTPAELASVSEVPAPRTYDVLRSLEKKGFAMTQPGKTNKYRPVHPANVL
EKFIQDWQERVKEELEAKKKAKEELLELMAPLIETEVPKYGVERVWVVRGIKNSTLKTKEMLEEAQNEILLADDGFIAVN
LEDDIIKAVDRGVKTKILLTKNLLPRLKASKIIDYAKEGKLELRALDKFDLPMLICDEEVFFALEDLAARYFNYETQVWI
KDHRVVALFKEKFNEYWEKAEK
;
_entity_poly.pdbx_strand_id   A,B,C,D
#
# COMPACT_ATOMS: atom_id res chain seq x y z
N SER A 1 39.37 -15.57 -8.54
CA SER A 1 39.02 -16.53 -7.50
C SER A 1 37.53 -16.87 -7.55
N LYS A 2 37.07 -17.62 -6.54
CA LYS A 2 35.66 -17.94 -6.42
C LYS A 2 34.93 -16.83 -5.65
N ASP A 3 35.70 -16.09 -4.86
CA ASP A 3 35.16 -14.98 -4.09
C ASP A 3 34.57 -13.91 -5.01
N ARG A 4 35.27 -13.65 -6.11
CA ARG A 4 34.83 -12.65 -7.06
C ARG A 4 33.53 -13.08 -7.72
N MET A 5 33.39 -14.38 -7.96
CA MET A 5 32.18 -14.92 -8.56
C MET A 5 30.99 -14.70 -7.62
N VAL A 6 31.19 -14.91 -6.33
CA VAL A 6 30.14 -14.68 -5.34
C VAL A 6 29.72 -13.21 -5.31
N GLU A 7 30.69 -12.30 -5.29
CA GLU A 7 30.40 -10.87 -5.30
C GLU A 7 29.56 -10.46 -6.50
N LEU A 8 29.98 -10.88 -7.69
CA LEU A 8 29.29 -10.51 -8.92
C LEU A 8 27.85 -11.00 -8.93
N LEU A 9 27.64 -12.21 -8.44
CA LEU A 9 26.30 -12.79 -8.37
C LEU A 9 25.44 -12.03 -7.36
N GLN A 10 26.05 -11.69 -6.25
CA GLN A 10 25.39 -10.98 -5.17
C GLN A 10 25.05 -9.54 -5.57
N GLU A 11 26.02 -8.87 -6.20
CA GLU A 11 25.85 -7.48 -6.59
C GLU A 11 24.87 -7.26 -7.75
N HIS A 12 24.89 -8.15 -8.73
CA HIS A 12 24.18 -7.89 -9.98
C HIS A 12 23.07 -8.87 -10.38
N PHE A 13 23.13 -10.09 -9.85
CA PHE A 13 22.16 -11.12 -10.24
C PHE A 13 21.25 -11.54 -9.08
N GLU A 14 21.17 -10.66 -8.07
CA GLU A 14 20.18 -10.76 -6.99
C GLU A 14 20.19 -12.07 -6.22
N LEU A 15 21.38 -12.63 -6.00
CA LEU A 15 21.50 -13.76 -5.09
C LEU A 15 21.98 -13.26 -3.75
N ASN A 16 21.55 -13.90 -2.66
CA ASN A 16 22.07 -13.54 -1.36
C ASN A 16 23.43 -14.25 -1.21
N LEU A 17 24.05 -14.11 -0.05
CA LEU A 17 25.38 -14.66 0.17
C LEU A 17 25.40 -16.17 -0.06
N TYR A 18 24.53 -16.89 0.64
CA TYR A 18 24.53 -18.34 0.60
C TYR A 18 24.16 -18.87 -0.78
N GLU A 19 23.19 -18.20 -1.41
CA GLU A 19 22.72 -18.61 -2.72
C GLU A 19 23.85 -18.49 -3.74
N ALA A 20 24.57 -17.37 -3.68
CA ALA A 20 25.70 -17.15 -4.57
C ALA A 20 26.77 -18.20 -4.34
N ARG A 21 27.02 -18.51 -3.06
CA ARG A 21 28.01 -19.51 -2.68
C ARG A 21 27.57 -20.90 -3.17
N ALA A 22 26.29 -21.21 -3.01
CA ALA A 22 25.78 -22.52 -3.38
C ALA A 22 25.78 -22.72 -4.89
N TYR A 23 25.41 -21.69 -5.64
CA TYR A 23 25.40 -21.79 -7.10
C TYR A 23 26.81 -22.01 -7.63
N VAL A 24 27.76 -21.22 -7.13
CA VAL A 24 29.15 -21.39 -7.55
C VAL A 24 29.58 -22.80 -7.22
N ALA A 25 29.18 -23.28 -6.05
CA ALA A 25 29.51 -24.64 -5.64
C ALA A 25 28.93 -25.65 -6.63
N LEU A 26 27.69 -25.45 -7.05
CA LEU A 26 27.05 -26.34 -8.00
C LEU A 26 27.79 -26.37 -9.34
N VAL A 27 28.22 -25.21 -9.81
CA VAL A 27 28.96 -25.13 -11.07
C VAL A 27 30.23 -25.98 -10.95
N ALA A 28 30.91 -25.83 -9.82
CA ALA A 28 32.18 -26.51 -9.60
C ALA A 28 32.04 -28.02 -9.41
N PHE A 29 30.99 -28.44 -8.71
CA PHE A 29 30.85 -29.83 -8.29
C PHE A 29 29.74 -30.62 -9.01
N GLY A 30 28.95 -29.94 -9.85
CA GLY A 30 27.93 -30.56 -10.67
C GLY A 30 26.63 -30.95 -9.98
N VAL A 31 26.58 -32.18 -9.46
CA VAL A 31 25.40 -32.65 -8.73
C VAL A 31 25.74 -32.59 -7.26
N LEU A 32 24.90 -31.88 -6.51
CA LEU A 32 25.05 -31.81 -5.08
C LEU A 32 23.73 -32.05 -4.40
N THR A 33 23.81 -32.69 -3.25
CA THR A 33 22.68 -32.78 -2.34
C THR A 33 22.90 -31.70 -1.29
N PRO A 34 21.83 -31.30 -0.61
CA PRO A 34 21.99 -30.29 0.44
C PRO A 34 23.05 -30.68 1.46
N ALA A 35 23.14 -31.98 1.75
CA ALA A 35 24.15 -32.48 2.68
C ALA A 35 25.54 -32.29 2.11
N GLU A 36 25.72 -32.60 0.83
CA GLU A 36 27.02 -32.47 0.18
C GLU A 36 27.43 -30.99 0.11
N LEU A 37 26.47 -30.13 -0.20
CA LEU A 37 26.73 -28.69 -0.23
C LEU A 37 27.31 -28.24 1.11
N ALA A 38 26.75 -28.77 2.19
CA ALA A 38 27.19 -28.43 3.53
C ALA A 38 28.69 -28.64 3.67
N SER A 39 29.18 -29.75 3.14
CA SER A 39 30.59 -30.08 3.21
C SER A 39 31.40 -29.39 2.10
N VAL A 40 30.75 -29.06 0.99
CA VAL A 40 31.42 -28.45 -0.15
C VAL A 40 31.62 -26.95 0.05
N SER A 41 30.57 -26.26 0.50
CA SER A 41 30.59 -24.80 0.51
C SER A 41 30.39 -24.25 1.91
N GLU A 42 30.39 -22.92 2.02
CA GLU A 42 30.23 -22.24 3.29
C GLU A 42 28.76 -21.86 3.53
N VAL A 43 27.88 -22.85 3.51
CA VAL A 43 26.46 -22.60 3.76
C VAL A 43 25.99 -23.46 4.95
N PRO A 44 25.37 -22.83 5.96
CA PRO A 44 24.89 -23.56 7.15
C PRO A 44 23.97 -24.74 6.81
N ALA A 45 24.12 -25.83 7.55
CA ALA A 45 23.40 -27.07 7.27
C ALA A 45 21.89 -26.88 7.12
N PRO A 46 21.24 -26.22 8.11
CA PRO A 46 19.79 -26.05 7.94
C PRO A 46 19.42 -25.13 6.77
N ARG A 47 20.39 -24.40 6.23
CA ARG A 47 20.13 -23.52 5.11
C ARG A 47 20.38 -24.18 3.76
N THR A 48 21.11 -25.29 3.74
CA THR A 48 21.53 -25.88 2.48
C THR A 48 20.33 -26.30 1.63
N TYR A 49 19.30 -26.85 2.27
CA TYR A 49 18.09 -27.20 1.55
C TYR A 49 17.33 -25.94 1.15
N ASP A 50 17.14 -25.05 2.13
CA ASP A 50 16.44 -23.80 1.90
C ASP A 50 17.06 -23.01 0.74
N VAL A 51 18.40 -22.94 0.74
CA VAL A 51 19.16 -22.22 -0.29
C VAL A 51 19.01 -22.85 -1.67
N LEU A 52 19.27 -24.15 -1.77
CA LEU A 52 19.22 -24.84 -3.06
C LEU A 52 17.81 -24.78 -3.66
N ARG A 53 16.81 -24.91 -2.80
CA ARG A 53 15.42 -24.74 -3.21
C ARG A 53 15.18 -23.34 -3.80
N SER A 54 15.77 -22.33 -3.19
CA SER A 54 15.66 -20.96 -3.70
C SER A 54 16.29 -20.82 -5.08
N LEU A 55 17.50 -21.35 -5.24
CA LEU A 55 18.18 -21.30 -6.52
C LEU A 55 17.35 -21.99 -7.59
N GLU A 56 16.68 -23.07 -7.21
CA GLU A 56 15.76 -23.77 -8.11
C GLU A 56 14.66 -22.83 -8.60
N LYS A 57 14.01 -22.16 -7.66
CA LYS A 57 12.90 -21.27 -8.02
C LYS A 57 13.41 -20.03 -8.75
N LYS A 58 14.66 -19.64 -8.49
CA LYS A 58 15.26 -18.47 -9.13
C LYS A 58 15.83 -18.80 -10.51
N GLY A 59 15.75 -20.08 -10.91
CA GLY A 59 16.22 -20.49 -12.22
C GLY A 59 17.72 -20.78 -12.31
N PHE A 60 18.39 -20.89 -11.17
CA PHE A 60 19.82 -21.17 -11.16
C PHE A 60 20.11 -22.66 -10.94
N ALA A 61 19.07 -23.47 -10.82
CA ALA A 61 19.26 -24.88 -10.58
C ALA A 61 18.07 -25.72 -11.02
N MET A 62 18.33 -27.01 -11.24
CA MET A 62 17.28 -27.99 -11.54
C MET A 62 17.36 -29.05 -10.45
N THR A 63 16.33 -29.86 -10.28
CA THR A 63 16.32 -30.78 -9.14
C THR A 63 15.68 -32.15 -9.40
N GLN A 64 16.01 -33.08 -8.50
CA GLN A 64 15.39 -34.40 -8.43
C GLN A 64 14.79 -34.61 -7.04
N PRO A 65 13.48 -34.39 -6.88
CA PRO A 65 12.83 -34.62 -5.59
C PRO A 65 12.99 -36.07 -5.11
N GLY A 66 13.16 -36.23 -3.80
CA GLY A 66 13.33 -37.53 -3.19
C GLY A 66 13.55 -37.39 -1.70
N LYS A 67 13.89 -38.49 -1.02
CA LYS A 67 14.23 -38.39 0.39
C LYS A 67 15.50 -37.54 0.49
N THR A 68 16.42 -37.76 -0.44
CA THR A 68 17.57 -36.87 -0.63
C THR A 68 17.47 -36.20 -2.00
N ASN A 69 17.31 -34.88 -2.01
CA ASN A 69 17.21 -34.11 -3.25
C ASN A 69 18.57 -33.85 -3.92
N LYS A 70 18.65 -34.13 -5.22
CA LYS A 70 19.83 -33.82 -6.01
C LYS A 70 19.55 -32.54 -6.78
N TYR A 71 20.56 -31.68 -6.90
CA TYR A 71 20.40 -30.41 -7.61
C TYR A 71 21.45 -30.26 -8.70
N ARG A 72 21.07 -29.56 -9.77
CA ARG A 72 21.92 -29.37 -10.93
C ARG A 72 22.03 -27.90 -11.26
N PRO A 73 23.26 -27.39 -11.47
CA PRO A 73 23.35 -25.98 -11.86
C PRO A 73 22.84 -25.74 -13.26
N VAL A 74 22.14 -24.62 -13.47
CA VAL A 74 21.79 -24.19 -14.81
C VAL A 74 23.04 -23.53 -15.38
N HIS A 75 23.35 -23.79 -16.65
CA HIS A 75 24.58 -23.25 -17.23
C HIS A 75 24.59 -21.72 -17.12
N PRO A 76 25.70 -21.14 -16.61
CA PRO A 76 25.84 -19.69 -16.43
C PRO A 76 25.45 -18.83 -17.63
N ALA A 77 25.80 -19.27 -18.84
CA ALA A 77 25.53 -18.50 -20.04
C ALA A 77 24.03 -18.43 -20.33
N ASN A 78 23.27 -19.30 -19.68
CA ASN A 78 21.82 -19.33 -19.87
C ASN A 78 21.11 -18.51 -18.79
N VAL A 79 21.44 -18.79 -17.53
CA VAL A 79 20.75 -18.15 -16.41
C VAL A 79 21.17 -16.70 -16.25
N LEU A 80 22.44 -16.40 -16.51
CA LEU A 80 22.92 -15.02 -16.40
C LEU A 80 22.36 -14.19 -17.55
N GLU A 81 22.26 -14.83 -18.71
CA GLU A 81 21.68 -14.19 -19.89
C GLU A 81 20.18 -13.98 -19.68
N LYS A 82 19.50 -15.03 -19.21
CA LYS A 82 18.07 -14.97 -18.97
C LYS A 82 17.71 -13.90 -17.95
N PHE A 83 18.53 -13.80 -16.90
CA PHE A 83 18.28 -12.82 -15.85
C PHE A 83 18.25 -11.40 -16.40
N ILE A 84 19.29 -11.05 -17.15
CA ILE A 84 19.42 -9.69 -17.68
C ILE A 84 18.23 -9.36 -18.59
N GLN A 85 17.82 -10.33 -19.39
CA GLN A 85 16.67 -10.16 -20.28
C GLN A 85 15.38 -9.95 -19.47
N ASP A 86 15.19 -10.77 -18.44
CA ASP A 86 14.01 -10.67 -17.59
C ASP A 86 14.08 -9.36 -16.78
N TRP A 87 15.28 -9.02 -16.34
CA TRP A 87 15.51 -7.77 -15.63
C TRP A 87 15.12 -6.58 -16.50
N GLN A 88 15.56 -6.61 -17.76
CA GLN A 88 15.30 -5.54 -18.70
C GLN A 88 13.79 -5.35 -18.90
N GLU A 89 13.05 -6.45 -18.87
CA GLU A 89 11.60 -6.39 -19.04
C GLU A 89 10.91 -5.77 -17.83
N ARG A 90 11.39 -6.08 -16.63
CA ARG A 90 10.85 -5.46 -15.43
C ARG A 90 11.07 -3.96 -15.48
N VAL A 91 12.28 -3.58 -15.88
CA VAL A 91 12.66 -2.19 -16.01
C VAL A 91 11.70 -1.46 -16.92
N LYS A 92 11.56 -1.96 -18.14
CA LYS A 92 10.73 -1.31 -19.14
C LYS A 92 9.29 -1.16 -18.65
N GLU A 93 8.80 -2.18 -17.94
CA GLU A 93 7.48 -2.13 -17.34
C GLU A 93 7.37 -1.04 -16.27
N GLU A 94 8.38 -0.96 -15.40
CA GLU A 94 8.39 0.02 -14.32
C GLU A 94 8.40 1.46 -14.84
N LEU A 95 9.13 1.70 -15.93
CA LEU A 95 9.17 3.03 -16.54
C LEU A 95 7.75 3.53 -16.80
N GLU A 96 6.96 2.69 -17.48
CA GLU A 96 5.56 3.00 -17.75
C GLU A 96 4.81 3.27 -16.44
N ALA A 97 5.08 2.44 -15.45
CA ALA A 97 4.43 2.57 -14.15
C ALA A 97 4.72 3.94 -13.54
N LYS A 98 5.94 4.42 -13.72
CA LYS A 98 6.33 5.72 -13.17
C LYS A 98 5.63 6.88 -13.88
N LYS A 99 5.52 6.81 -15.21
CA LYS A 99 4.89 7.89 -15.97
C LYS A 99 3.38 7.92 -15.72
N LYS A 100 2.81 6.77 -15.39
CA LYS A 100 1.39 6.74 -15.02
C LYS A 100 1.22 7.18 -13.57
N ALA A 101 2.23 6.91 -12.75
CA ALA A 101 2.26 7.45 -11.39
C ALA A 101 2.40 8.97 -11.51
N LYS A 102 3.23 9.39 -12.47
CA LYS A 102 3.42 10.80 -12.77
C LYS A 102 2.10 11.50 -13.06
N GLU A 103 1.41 11.02 -14.09
CA GLU A 103 0.17 11.63 -14.53
C GLU A 103 -0.89 11.63 -13.44
N GLU A 104 -0.99 10.53 -12.70
CA GLU A 104 -1.98 10.43 -11.63
C GLU A 104 -1.71 11.45 -10.53
N LEU A 105 -0.43 11.64 -10.18
CA LEU A 105 -0.06 12.64 -9.18
C LEU A 105 -0.41 14.04 -9.66
N LEU A 106 -0.18 14.30 -10.94
CA LEU A 106 -0.47 15.62 -11.50
C LEU A 106 -1.96 15.90 -11.44
N GLU A 107 -2.75 14.85 -11.66
CA GLU A 107 -4.19 14.95 -11.56
C GLU A 107 -4.59 15.20 -10.11
N LEU A 108 -3.97 14.45 -9.21
CA LEU A 108 -4.28 14.52 -7.79
C LEU A 108 -3.81 15.82 -7.13
N MET A 109 -2.70 16.38 -7.62
CA MET A 109 -2.16 17.59 -7.01
C MET A 109 -2.66 18.88 -7.65
N ALA A 110 -3.49 18.76 -8.69
CA ALA A 110 -4.07 19.95 -9.32
C ALA A 110 -4.96 20.67 -8.29
N PRO A 111 -5.75 19.93 -7.51
CA PRO A 111 -6.51 20.56 -6.42
C PRO A 111 -5.65 21.34 -5.40
N LEU A 112 -4.39 20.98 -5.23
CA LEU A 112 -3.53 21.70 -4.29
C LEU A 112 -2.93 22.97 -4.89
N ILE A 113 -2.87 23.04 -6.21
CA ILE A 113 -2.24 24.15 -6.91
C ILE A 113 -3.25 25.02 -7.66
N GLU A 114 -4.49 24.56 -7.76
CA GLU A 114 -5.52 25.29 -8.50
C GLU A 114 -5.86 26.63 -7.83
N THR A 115 -5.99 26.61 -6.51
CA THR A 115 -6.25 27.85 -5.77
C THR A 115 -5.05 28.80 -5.82
N GLU A 116 -4.95 29.54 -6.93
CA GLU A 116 -3.81 30.40 -7.23
C GLU A 116 -3.79 31.73 -6.45
N VAL A 117 -4.55 31.81 -5.37
CA VAL A 117 -4.54 33.03 -4.55
C VAL A 117 -4.00 32.77 -3.14
N PRO A 118 -4.73 32.03 -2.28
CA PRO A 118 -4.35 31.97 -0.87
C PRO A 118 -3.09 31.14 -0.54
N LYS A 119 -1.92 31.51 -1.07
CA LYS A 119 -0.69 30.77 -0.77
C LYS A 119 0.16 31.47 0.28
N TYR A 120 -0.43 31.64 1.45
CA TYR A 120 0.24 32.22 2.61
C TYR A 120 0.95 31.10 3.35
N GLY A 121 1.82 31.44 4.29
CA GLY A 121 2.42 30.43 5.15
C GLY A 121 1.36 29.85 6.06
N VAL A 122 1.76 28.94 6.96
CA VAL A 122 0.82 28.31 7.87
C VAL A 122 0.25 29.33 8.86
N GLU A 123 1.13 30.04 9.55
CA GLU A 123 0.74 31.03 10.55
C GLU A 123 0.01 32.24 9.98
N ARG A 124 -1.31 32.26 10.08
CA ARG A 124 -2.10 33.40 9.59
C ARG A 124 -2.80 34.18 10.71
N VAL A 125 -2.91 33.61 11.90
CA VAL A 125 -3.52 34.30 13.03
C VAL A 125 -2.58 34.35 14.23
N TRP A 126 -2.36 35.56 14.77
CA TRP A 126 -1.35 35.76 15.80
C TRP A 126 -1.85 36.78 16.82
N VAL A 127 -1.92 36.37 18.08
CA VAL A 127 -2.39 37.23 19.16
C VAL A 127 -1.19 37.91 19.83
N VAL A 128 -1.28 39.22 19.99
CA VAL A 128 -0.20 40.03 20.55
C VAL A 128 -0.63 40.69 21.84
N ARG A 129 0.22 40.61 22.86
CA ARG A 129 -0.08 41.18 24.17
C ARG A 129 1.03 42.13 24.65
N GLY A 130 0.64 43.22 25.28
CA GLY A 130 1.61 44.16 25.83
C GLY A 130 2.09 45.20 24.85
N ILE A 131 2.76 46.23 25.36
CA ILE A 131 3.23 47.35 24.55
C ILE A 131 4.46 46.95 23.73
N LYS A 132 5.42 46.29 24.37
CA LYS A 132 6.65 45.91 23.68
C LYS A 132 6.39 45.05 22.45
N ASN A 133 5.64 43.98 22.65
CA ASN A 133 5.31 43.05 21.56
C ASN A 133 4.54 43.76 20.46
N SER A 134 3.68 44.69 20.87
CA SER A 134 2.85 45.44 19.95
C SER A 134 3.66 46.21 18.93
N THR A 135 4.62 46.98 19.42
CA THR A 135 5.44 47.82 18.58
C THR A 135 6.38 46.97 17.74
N LEU A 136 6.74 45.80 18.27
CA LEU A 136 7.59 44.87 17.54
C LEU A 136 6.83 44.30 16.35
N LYS A 137 5.56 44.00 16.55
CA LYS A 137 4.74 43.49 15.48
C LYS A 137 4.47 44.57 14.44
N THR A 138 4.26 45.79 14.92
CA THR A 138 3.99 46.91 14.03
C THR A 138 5.25 47.21 13.20
N LYS A 139 6.42 47.11 13.82
CA LYS A 139 7.67 47.31 13.10
C LYS A 139 7.79 46.34 11.93
N GLU A 140 7.61 45.04 12.21
CA GLU A 140 7.75 44.01 11.19
C GLU A 140 6.83 44.28 10.00
N MET A 141 5.56 44.55 10.28
CA MET A 141 4.58 44.80 9.22
C MET A 141 5.07 45.94 8.34
N LEU A 142 5.60 46.98 8.97
CA LEU A 142 6.14 48.13 8.25
C LEU A 142 7.40 47.73 7.48
N GLU A 143 8.16 46.79 8.02
CA GLU A 143 9.38 46.34 7.38
C GLU A 143 9.12 45.45 6.16
N GLU A 144 8.05 44.67 6.24
CA GLU A 144 7.70 43.72 5.18
C GLU A 144 6.83 44.30 4.07
N ALA A 145 6.06 45.34 4.38
CA ALA A 145 5.13 45.90 3.41
C ALA A 145 5.85 46.37 2.16
N GLN A 146 5.27 46.07 1.00
CA GLN A 146 5.84 46.47 -0.28
C GLN A 146 4.84 47.21 -1.19
N ASN A 147 3.54 47.06 -0.93
CA ASN A 147 2.54 47.69 -1.78
C ASN A 147 1.84 48.88 -1.11
N GLU A 148 1.08 48.65 -0.04
CA GLU A 148 0.37 49.74 0.60
C GLU A 148 0.27 49.61 2.13
N ILE A 149 0.15 50.76 2.79
CA ILE A 149 -0.04 50.83 4.23
C ILE A 149 -1.25 51.71 4.54
N LEU A 150 -2.23 51.14 5.24
CA LEU A 150 -3.37 51.91 5.72
C LEU A 150 -3.33 51.95 7.24
N LEU A 151 -3.29 53.15 7.81
CA LEU A 151 -3.20 53.29 9.25
C LEU A 151 -4.29 54.20 9.83
N ALA A 152 -5.11 53.63 10.70
CA ALA A 152 -6.04 54.39 11.53
C ALA A 152 -5.45 54.50 12.93
N ASP A 153 -5.02 55.70 13.30
CA ASP A 153 -4.16 55.88 14.47
C ASP A 153 -4.78 56.70 15.58
N ASP A 154 -5.13 56.03 16.68
CA ASP A 154 -5.51 56.71 17.91
C ASP A 154 -4.43 56.49 18.98
N GLY A 155 -3.22 56.13 18.54
CA GLY A 155 -2.10 55.88 19.42
C GLY A 155 -1.17 57.08 19.46
N PHE A 156 0.03 56.99 20.05
CA PHE A 156 0.81 55.77 20.31
C PHE A 156 1.06 54.90 19.06
N ILE A 157 1.09 55.49 17.88
CA ILE A 157 1.59 54.73 16.72
C ILE A 157 2.58 55.55 15.92
N ALA A 158 2.17 56.74 15.46
CA ALA A 158 3.08 57.59 14.71
C ALA A 158 4.35 57.91 15.49
N VAL A 159 4.24 57.92 16.82
CA VAL A 159 5.38 58.17 17.70
C VAL A 159 5.75 56.91 18.52
N ASN A 160 7.01 56.46 18.51
CA ASN A 160 8.04 56.80 17.53
C ASN A 160 8.28 55.61 16.62
N LEU A 161 7.28 55.30 15.81
CA LEU A 161 7.43 54.37 14.71
C LEU A 161 7.58 55.19 13.44
N GLU A 162 7.72 56.51 13.64
CA GLU A 162 7.91 57.45 12.57
C GLU A 162 9.03 56.99 11.65
N ASP A 163 10.14 56.58 12.25
CA ASP A 163 11.33 56.20 11.50
C ASP A 163 11.12 54.92 10.70
N ASP A 164 10.10 54.15 11.05
CA ASP A 164 9.75 52.95 10.29
C ASP A 164 8.71 53.28 9.24
N ILE A 165 7.80 54.19 9.59
CA ILE A 165 6.76 54.63 8.67
C ILE A 165 7.39 55.33 7.48
N ILE A 166 8.27 56.28 7.76
CA ILE A 166 8.88 57.08 6.71
C ILE A 166 9.77 56.23 5.84
N LYS A 167 10.41 55.24 6.45
CA LYS A 167 11.27 54.31 5.72
C LYS A 167 10.47 53.59 4.63
N ALA A 168 9.25 53.16 4.96
CA ALA A 168 8.38 52.51 3.99
C ALA A 168 7.97 53.50 2.89
N VAL A 169 7.68 54.73 3.31
CA VAL A 169 7.33 55.78 2.36
C VAL A 169 8.52 55.97 1.42
N ASP A 170 9.72 55.89 1.98
CA ASP A 170 10.94 56.01 1.20
C ASP A 170 11.09 54.84 0.21
N ARG A 171 10.42 53.72 0.47
CA ARG A 171 10.51 52.58 -0.44
C ARG A 171 9.39 52.62 -1.49
N GLY A 172 8.60 53.68 -1.50
CA GLY A 172 7.54 53.81 -2.48
C GLY A 172 6.24 53.10 -2.10
N VAL A 173 6.08 52.79 -0.82
CA VAL A 173 4.88 52.10 -0.36
C VAL A 173 3.74 53.11 -0.26
N LYS A 174 2.63 52.82 -0.93
CA LYS A 174 1.48 53.72 -0.95
C LYS A 174 0.90 53.87 0.45
N THR A 175 1.32 54.92 1.16
CA THR A 175 0.92 55.13 2.54
C THR A 175 -0.27 56.07 2.69
N LYS A 176 -1.20 55.69 3.56
CA LYS A 176 -2.33 56.53 3.94
C LYS A 176 -2.44 56.53 5.46
N ILE A 177 -2.31 57.71 6.07
CA ILE A 177 -2.37 57.79 7.53
C ILE A 177 -3.60 58.55 7.98
N LEU A 178 -4.46 57.86 8.71
CA LEU A 178 -5.64 58.47 9.34
C LEU A 178 -5.43 58.47 10.85
N LEU A 179 -5.63 59.62 11.47
CA LEU A 179 -5.46 59.72 12.92
C LEU A 179 -6.51 60.60 13.61
N THR A 180 -6.65 60.42 14.91
CA THR A 180 -7.64 61.14 15.69
C THR A 180 -7.31 62.62 15.68
N LYS A 181 -8.32 63.46 15.45
CA LYS A 181 -8.12 64.91 15.39
C LYS A 181 -7.60 65.46 16.71
N ASN A 182 -8.09 64.89 17.80
CA ASN A 182 -7.71 65.30 19.15
C ASN A 182 -6.22 65.05 19.40
N LEU A 183 -5.63 64.18 18.60
CA LEU A 183 -4.22 63.83 18.75
C LEU A 183 -3.37 64.50 17.65
N LEU A 184 -4.02 65.28 16.80
CA LEU A 184 -3.39 65.88 15.63
C LEU A 184 -2.14 66.74 15.94
N PRO A 185 -2.24 67.69 16.88
CA PRO A 185 -1.10 68.60 17.10
C PRO A 185 0.17 67.93 17.66
N ARG A 186 0.08 66.66 18.04
CA ARG A 186 1.25 65.95 18.56
C ARG A 186 2.34 65.82 17.49
N LEU A 187 1.93 65.83 16.23
CA LEU A 187 2.86 65.63 15.11
C LEU A 187 3.34 66.95 14.50
N LYS A 188 3.17 68.04 15.23
CA LYS A 188 3.47 69.37 14.71
C LYS A 188 4.93 69.54 14.28
N ALA A 189 5.81 68.67 14.76
CA ALA A 189 7.22 68.68 14.37
C ALA A 189 7.65 67.31 13.82
N SER A 190 6.73 66.60 13.17
CA SER A 190 7.00 65.25 12.70
C SER A 190 7.61 65.23 11.30
N LYS A 191 8.17 64.06 10.96
CA LYS A 191 8.68 63.81 9.61
C LYS A 191 7.52 63.47 8.69
N ILE A 192 6.48 62.89 9.28
CA ILE A 192 5.28 62.48 8.55
C ILE A 192 4.60 63.66 7.86
N ILE A 193 4.45 64.77 8.58
CA ILE A 193 3.73 65.92 8.03
C ILE A 193 4.54 66.54 6.89
N ASP A 194 5.86 66.36 6.90
CA ASP A 194 6.68 66.86 5.82
C ASP A 194 6.44 66.02 4.58
N TYR A 195 6.44 64.70 4.75
CA TYR A 195 6.15 63.79 3.65
C TYR A 195 4.69 63.91 3.22
N ALA A 196 3.84 64.39 4.14
CA ALA A 196 2.43 64.61 3.82
C ALA A 196 2.28 65.84 2.92
N LYS A 197 3.19 66.80 3.08
CA LYS A 197 3.12 68.06 2.35
C LYS A 197 3.94 68.05 1.06
N GLU A 198 5.03 67.29 1.06
CA GLU A 198 5.94 67.29 -0.10
C GLU A 198 5.31 66.77 -1.40
N GLY A 199 4.35 65.85 -1.36
CA GLY A 199 4.18 64.87 -0.30
C GLY A 199 4.04 63.48 -0.90
N LYS A 200 4.66 62.46 -0.31
CA LYS A 200 4.57 61.10 -0.85
C LYS A 200 3.61 60.22 -0.07
N LEU A 201 2.98 60.78 0.96
CA LEU A 201 1.96 60.05 1.70
C LEU A 201 0.79 60.98 1.91
N GLU A 202 -0.40 60.40 1.97
CA GLU A 202 -1.60 61.18 2.26
C GLU A 202 -1.95 61.04 3.73
N LEU A 203 -2.37 62.14 4.34
CA LEU A 203 -2.71 62.15 5.76
C LEU A 203 -4.00 62.91 5.99
N ARG A 204 -4.88 62.30 6.77
CA ARG A 204 -6.17 62.90 7.11
C ARG A 204 -6.46 62.70 8.60
N ALA A 205 -7.59 63.23 9.06
CA ALA A 205 -7.95 63.12 10.47
C ALA A 205 -9.46 63.02 10.66
N LEU A 206 -9.88 62.59 11.85
CA LEU A 206 -11.29 62.39 12.18
C LEU A 206 -11.52 62.51 13.68
N ASP A 207 -12.62 63.17 14.08
CA ASP A 207 -12.85 63.51 15.48
C ASP A 207 -12.63 62.32 16.41
N LYS A 208 -13.10 61.17 15.98
CA LYS A 208 -12.89 59.92 16.71
C LYS A 208 -13.44 58.79 15.84
N PHE A 209 -12.67 57.73 15.70
CA PHE A 209 -13.17 56.54 15.02
C PHE A 209 -13.15 55.36 15.97
N ASP A 210 -14.01 54.38 15.70
CA ASP A 210 -14.31 53.34 16.67
C ASP A 210 -13.41 52.11 16.52
N LEU A 211 -12.96 51.84 15.30
CA LEU A 211 -12.14 50.66 15.04
C LEU A 211 -10.82 51.03 14.37
N PRO A 212 -9.79 51.31 15.17
CA PRO A 212 -8.43 51.54 14.68
C PRO A 212 -7.82 50.28 14.06
N MET A 213 -6.76 50.43 13.25
CA MET A 213 -6.20 49.28 12.55
C MET A 213 -4.94 49.63 11.77
N LEU A 214 -4.14 48.60 11.50
CA LEU A 214 -3.02 48.73 10.58
C LEU A 214 -3.12 47.66 9.49
N ILE A 215 -3.18 48.09 8.24
CA ILE A 215 -3.28 47.17 7.10
C ILE A 215 -2.00 47.25 6.27
N CYS A 216 -1.35 46.09 6.08
CA CYS A 216 -0.08 46.04 5.36
C CYS A 216 0.02 44.85 4.40
N ASP A 217 -0.58 44.97 3.22
CA ASP A 217 -0.44 43.96 2.17
C ASP A 217 -1.02 42.62 2.58
N GLU A 218 -2.35 42.53 2.56
CA GLU A 218 -3.05 41.30 2.88
C GLU A 218 -2.80 40.90 4.34
N GLU A 219 -2.50 41.91 5.15
CA GLU A 219 -2.34 41.71 6.60
C GLU A 219 -3.10 42.80 7.33
N VAL A 220 -3.72 42.44 8.44
CA VAL A 220 -4.39 43.41 9.29
C VAL A 220 -3.98 43.17 10.74
N PHE A 221 -3.73 44.27 11.43
CA PHE A 221 -3.35 44.22 12.83
C PHE A 221 -4.21 45.23 13.57
N PHE A 222 -5.06 44.73 14.46
CA PHE A 222 -6.02 45.59 15.14
C PHE A 222 -6.12 45.20 16.61
N ALA A 223 -6.67 46.10 17.41
CA ALA A 223 -6.73 45.89 18.84
C ALA A 223 -8.16 45.65 19.30
N LEU A 224 -8.30 44.80 20.30
CA LEU A 224 -9.58 44.59 20.96
C LEU A 224 -9.70 45.64 22.05
N GLU A 225 -10.92 46.05 22.40
CA GLU A 225 -11.09 47.01 23.48
C GLU A 225 -12.27 46.66 24.37
N ASP A 226 -12.04 46.73 25.69
CA ASP A 226 -13.07 46.41 26.68
C ASP A 226 -12.53 46.53 28.11
N LEU A 227 -12.63 47.72 28.72
CA LEU A 227 -13.01 48.96 28.05
C LEU A 227 -12.22 50.10 28.69
N ALA A 228 -11.20 49.74 29.47
CA ALA A 228 -10.32 50.70 30.09
C ALA A 228 -8.88 50.33 29.79
N ALA A 229 -8.66 49.70 28.65
CA ALA A 229 -7.33 49.19 28.28
C ALA A 229 -6.27 50.29 28.30
N ARG A 230 -6.61 51.45 27.74
CA ARG A 230 -5.65 52.54 27.60
C ARG A 230 -5.35 53.22 28.94
N TYR A 231 -4.06 53.27 29.28
CA TYR A 231 -3.56 53.97 30.48
C TYR A 231 -3.99 53.35 31.80
N PHE A 232 -4.52 52.12 31.78
CA PHE A 232 -4.99 51.49 33.02
C PHE A 232 -4.13 50.37 33.65
N ASN A 233 -3.45 49.49 32.91
CA ASN A 233 -3.16 49.58 31.49
C ASN A 233 -2.79 48.20 30.93
N TYR A 234 -3.41 47.80 29.83
CA TYR A 234 -3.05 46.52 29.21
C TYR A 234 -3.61 46.37 27.80
N GLU A 235 -2.84 45.69 26.95
CA GLU A 235 -3.14 45.57 25.53
C GLU A 235 -3.42 44.15 25.04
N THR A 236 -4.49 43.99 24.27
CA THR A 236 -4.78 42.71 23.62
C THR A 236 -5.04 42.97 22.13
N GLN A 237 -4.19 42.44 21.26
CA GLN A 237 -4.30 42.68 19.83
C GLN A 237 -4.28 41.42 18.98
N VAL A 238 -4.89 41.50 17.80
CA VAL A 238 -5.02 40.35 16.90
C VAL A 238 -4.45 40.66 15.51
N TRP A 239 -3.60 39.78 15.02
CA TRP A 239 -3.03 39.89 13.67
C TRP A 239 -3.61 38.80 12.76
N ILE A 240 -4.05 39.19 11.57
CA ILE A 240 -4.60 38.24 10.61
C ILE A 240 -3.98 38.47 9.23
N LYS A 241 -3.54 37.38 8.60
CA LYS A 241 -3.01 37.43 7.24
C LYS A 241 -3.93 36.69 6.28
N ASP A 242 -4.96 37.38 5.80
CA ASP A 242 -5.89 36.79 4.85
C ASP A 242 -6.66 37.89 4.13
N HIS A 243 -6.61 37.86 2.80
CA HIS A 243 -7.24 38.86 1.96
C HIS A 243 -8.69 39.16 2.36
N ARG A 244 -9.43 38.12 2.70
CA ARG A 244 -10.85 38.24 2.94
C ARG A 244 -11.19 39.03 4.21
N VAL A 245 -10.36 38.86 5.25
CA VAL A 245 -10.56 39.61 6.48
C VAL A 245 -10.11 41.04 6.25
N VAL A 246 -8.96 41.18 5.58
CA VAL A 246 -8.42 42.49 5.25
C VAL A 246 -9.40 43.31 4.41
N ALA A 247 -10.07 42.65 3.47
CA ALA A 247 -11.05 43.33 2.64
C ALA A 247 -12.11 44.00 3.50
N LEU A 248 -12.50 43.33 4.59
CA LEU A 248 -13.47 43.89 5.52
C LEU A 248 -12.94 45.13 6.23
N PHE A 249 -11.73 45.02 6.75
CA PHE A 249 -11.11 46.12 7.47
C PHE A 249 -10.70 47.24 6.51
N LYS A 250 -10.39 46.88 5.27
CA LYS A 250 -10.03 47.88 4.27
C LYS A 250 -11.26 48.69 3.83
N GLU A 251 -12.39 48.03 3.67
CA GLU A 251 -13.63 48.73 3.34
C GLU A 251 -13.95 49.74 4.42
N LYS A 252 -13.73 49.34 5.67
CA LYS A 252 -14.03 50.21 6.80
C LYS A 252 -13.03 51.35 6.88
N PHE A 253 -11.76 51.09 6.61
CA PHE A 253 -10.76 52.16 6.58
C PHE A 253 -11.17 53.20 5.55
N ASN A 254 -11.59 52.74 4.37
CA ASN A 254 -11.96 53.64 3.29
C ASN A 254 -13.22 54.44 3.62
N GLU A 255 -14.04 53.93 4.52
CA GLU A 255 -15.18 54.70 5.01
C GLU A 255 -14.68 55.76 5.97
N TYR A 256 -13.79 55.38 6.87
CA TYR A 256 -13.14 56.35 7.75
C TYR A 256 -12.28 57.30 6.93
N TRP A 257 -11.66 56.79 5.87
CA TRP A 257 -10.72 57.58 5.10
C TRP A 257 -11.41 58.73 4.38
N GLU A 258 -12.66 58.51 3.96
CA GLU A 258 -13.39 59.55 3.26
C GLU A 258 -14.15 60.34 4.30
N LYS A 259 -13.37 61.10 5.06
CA LYS A 259 -13.85 62.09 6.00
C LYS A 259 -12.84 63.19 5.85
N ALA A 260 -12.68 63.66 4.62
CA ALA A 260 -11.60 64.57 4.31
C ALA A 260 -11.87 66.00 4.77
N GLU A 261 -10.82 66.75 5.10
CA GLU A 261 -9.52 66.18 5.41
C GLU A 261 -9.65 65.51 6.77
N SER B 1 -10.03 9.42 40.32
CA SER B 1 -9.05 10.50 40.29
C SER B 1 -8.64 10.82 38.86
N LYS B 2 -7.54 11.55 38.71
CA LYS B 2 -7.04 11.92 37.39
C LYS B 2 -6.29 10.77 36.76
N ASP B 3 -5.81 9.85 37.58
CA ASP B 3 -5.12 8.67 37.06
C ASP B 3 -6.09 7.89 36.20
N ARG B 4 -7.34 7.77 36.65
CA ARG B 4 -8.38 7.07 35.92
C ARG B 4 -8.77 7.82 34.64
N MET B 5 -8.77 9.15 34.71
CA MET B 5 -9.12 9.97 33.56
C MET B 5 -8.09 9.80 32.44
N VAL B 6 -6.81 9.76 32.82
CA VAL B 6 -5.73 9.56 31.88
C VAL B 6 -5.83 8.18 31.22
N GLU B 7 -6.09 7.15 32.02
CA GLU B 7 -6.25 5.80 31.50
C GLU B 7 -7.33 5.72 30.42
N LEU B 8 -8.51 6.23 30.75
CA LEU B 8 -9.65 6.16 29.84
C LEU B 8 -9.40 6.89 28.53
N LEU B 9 -8.72 8.03 28.59
CA LEU B 9 -8.46 8.82 27.39
C LEU B 9 -7.54 8.08 26.43
N GLN B 10 -6.53 7.39 26.97
CA GLN B 10 -5.61 6.62 26.14
C GLN B 10 -6.28 5.42 25.51
N GLU B 11 -7.06 4.70 26.32
CA GLU B 11 -7.67 3.45 25.88
C GLU B 11 -8.78 3.63 24.85
N HIS B 12 -9.59 4.68 25.00
CA HIS B 12 -10.80 4.80 24.17
C HIS B 12 -10.84 6.05 23.29
N PHE B 13 -10.10 7.09 23.64
CA PHE B 13 -10.15 8.32 22.86
C PHE B 13 -8.84 8.64 22.16
N GLU B 14 -8.02 7.60 21.99
CA GLU B 14 -6.86 7.64 21.10
C GLU B 14 -5.90 8.78 21.38
N LEU B 15 -5.71 9.12 22.65
CA LEU B 15 -4.64 10.02 23.05
C LEU B 15 -3.47 9.20 23.55
N ASN B 16 -2.25 9.67 23.33
CA ASN B 16 -1.10 8.98 23.88
C ASN B 16 -0.99 9.39 25.35
N LEU B 17 0.04 8.93 26.05
CA LEU B 17 0.14 9.20 27.48
C LEU B 17 0.18 10.70 27.76
N TYR B 18 1.11 11.40 27.13
CA TYR B 18 1.33 12.81 27.42
C TYR B 18 0.10 13.65 27.03
N GLU B 19 -0.54 13.28 25.93
CA GLU B 19 -1.72 14.00 25.46
C GLU B 19 -2.87 13.88 26.46
N ALA B 20 -3.08 12.67 26.97
CA ALA B 20 -4.13 12.43 27.96
C ALA B 20 -3.87 13.24 29.23
N ARG B 21 -2.62 13.27 29.67
CA ARG B 21 -2.24 14.03 30.85
C ARG B 21 -2.43 15.53 30.63
N ALA B 22 -2.06 16.00 29.45
CA ALA B 22 -2.16 17.41 29.14
C ALA B 22 -3.62 17.88 29.03
N TYR B 23 -4.48 17.08 28.42
CA TYR B 23 -5.88 17.45 28.29
C TYR B 23 -6.54 17.54 29.66
N VAL B 24 -6.29 16.55 30.51
CA VAL B 24 -6.81 16.55 31.87
C VAL B 24 -6.34 17.81 32.59
N ALA B 25 -5.08 18.17 32.39
CA ALA B 25 -4.53 19.39 32.98
C ALA B 25 -5.30 20.62 32.50
N LEU B 26 -5.59 20.67 31.21
CA LEU B 26 -6.32 21.80 30.64
C LEU B 26 -7.72 21.91 31.24
N VAL B 27 -8.40 20.78 31.40
CA VAL B 27 -9.74 20.78 31.97
C VAL B 27 -9.68 21.43 33.34
N ALA B 28 -8.65 21.07 34.11
CA ALA B 28 -8.51 21.54 35.48
C ALA B 28 -8.15 23.02 35.59
N PHE B 29 -7.28 23.49 34.70
CA PHE B 29 -6.74 24.84 34.84
C PHE B 29 -7.26 25.86 33.83
N GLY B 30 -8.09 25.42 32.88
CA GLY B 30 -8.67 26.39 31.97
C GLY B 30 -7.68 26.84 30.92
N VAL B 31 -6.90 27.87 31.24
CA VAL B 31 -5.91 28.36 30.30
C VAL B 31 -4.49 27.99 30.72
N LEU B 32 -3.75 27.33 29.83
CA LEU B 32 -2.36 26.99 30.10
C LEU B 32 -1.43 27.29 28.92
N THR B 33 -0.19 27.67 29.23
CA THR B 33 0.88 27.76 28.25
C THR B 33 1.75 26.50 28.35
N PRO B 34 2.51 26.18 27.30
CA PRO B 34 3.38 25.01 27.36
C PRO B 34 4.28 25.00 28.60
N ALA B 35 4.75 26.17 28.99
CA ALA B 35 5.59 26.30 30.18
C ALA B 35 4.82 25.97 31.44
N GLU B 36 3.60 26.49 31.52
CA GLU B 36 2.74 26.25 32.67
C GLU B 36 2.37 24.78 32.77
N LEU B 37 2.09 24.15 31.64
CA LEU B 37 1.79 22.72 31.60
C LEU B 37 2.92 21.90 32.21
N ALA B 38 4.15 22.26 31.87
CA ALA B 38 5.34 21.57 32.37
C ALA B 38 5.34 21.51 33.90
N SER B 39 4.98 22.63 34.52
CA SER B 39 4.99 22.74 35.97
C SER B 39 3.74 22.09 36.60
N VAL B 40 2.67 22.01 35.83
CA VAL B 40 1.41 21.46 36.34
C VAL B 40 1.39 19.93 36.32
N SER B 41 1.82 19.34 35.21
CA SER B 41 1.65 17.89 35.01
C SER B 41 2.95 17.13 34.73
N GLU B 42 2.81 15.83 34.52
CA GLU B 42 3.95 14.96 34.23
C GLU B 42 4.13 14.83 32.72
N VAL B 43 4.35 15.96 32.06
CA VAL B 43 4.63 15.97 30.63
C VAL B 43 6.00 16.60 30.47
N PRO B 44 6.92 15.91 29.77
CA PRO B 44 8.26 16.50 29.62
C PRO B 44 8.21 17.91 29.05
N ALA B 45 9.02 18.81 29.60
CA ALA B 45 8.99 20.21 29.22
C ALA B 45 9.10 20.40 27.70
N PRO B 46 10.11 19.79 27.07
CA PRO B 46 10.22 19.98 25.61
C PRO B 46 9.09 19.34 24.80
N ARG B 47 8.30 18.47 25.43
CA ARG B 47 7.19 17.82 24.75
C ARG B 47 5.89 18.60 24.90
N THR B 48 5.85 19.56 25.84
CA THR B 48 4.61 20.24 26.19
C THR B 48 4.02 21.04 25.03
N TYR B 49 4.87 21.66 24.21
CA TYR B 49 4.37 22.41 23.07
C TYR B 49 3.79 21.46 22.02
N ASP B 50 4.57 20.45 21.64
CA ASP B 50 4.13 19.46 20.66
C ASP B 50 2.81 18.83 21.09
N VAL B 51 2.71 18.48 22.36
CA VAL B 51 1.51 17.84 22.90
C VAL B 51 0.31 18.76 22.77
N LEU B 52 0.45 19.99 23.25
CA LEU B 52 -0.66 20.93 23.21
C LEU B 52 -1.10 21.22 21.78
N ARG B 53 -0.13 21.38 20.89
CA ARG B 53 -0.43 21.59 19.48
C ARG B 53 -1.14 20.35 18.91
N SER B 54 -0.72 19.16 19.33
CA SER B 54 -1.37 17.95 18.87
C SER B 54 -2.83 17.96 19.34
N LEU B 55 -3.03 18.31 20.60
CA LEU B 55 -4.38 18.42 21.14
C LEU B 55 -5.18 19.46 20.35
N GLU B 56 -4.50 20.52 19.94
CA GLU B 56 -5.12 21.56 19.13
C GLU B 56 -5.69 20.98 17.84
N LYS B 57 -4.86 20.24 17.09
CA LYS B 57 -5.30 19.66 15.83
C LYS B 57 -6.28 18.50 16.05
N LYS B 58 -6.18 17.85 17.20
CA LYS B 58 -7.07 16.72 17.51
C LYS B 58 -8.43 17.13 18.06
N GLY B 59 -8.65 18.43 18.22
CA GLY B 59 -9.93 18.93 18.67
C GLY B 59 -10.13 18.96 20.18
N PHE B 60 -9.06 18.75 20.94
CA PHE B 60 -9.15 18.77 22.39
C PHE B 60 -8.75 20.13 22.96
N ALA B 61 -8.36 21.06 22.09
CA ALA B 61 -7.93 22.36 22.59
C ALA B 61 -8.08 23.48 21.58
N MET B 62 -8.15 24.70 22.10
CA MET B 62 -8.18 25.91 21.29
C MET B 62 -6.98 26.75 21.72
N THR B 63 -6.55 27.69 20.89
CA THR B 63 -5.31 28.39 21.20
C THR B 63 -5.25 29.86 20.79
N GLN B 64 -4.26 30.55 21.35
CA GLN B 64 -3.93 31.92 20.96
C GLN B 64 -2.48 31.97 20.49
N PRO B 65 -2.24 31.86 19.18
CA PRO B 65 -0.85 31.91 18.70
C PRO B 65 -0.15 33.21 19.11
N GLY B 66 1.10 33.10 19.56
CA GLY B 66 1.87 34.26 19.98
C GLY B 66 3.20 33.86 20.59
N LYS B 67 3.92 34.85 21.14
CA LYS B 67 5.10 34.53 21.93
C LYS B 67 4.59 33.81 23.17
N THR B 68 3.41 34.22 23.60
CA THR B 68 2.72 33.51 24.66
C THR B 68 1.63 32.70 24.00
N ASN B 69 1.88 31.39 23.87
CA ASN B 69 0.89 30.50 23.31
C ASN B 69 0.00 30.06 24.45
N LYS B 70 -1.29 30.38 24.35
CA LYS B 70 -2.25 29.96 25.34
C LYS B 70 -3.10 28.85 24.75
N TYR B 71 -3.44 27.88 25.59
CA TYR B 71 -4.30 26.80 25.15
C TYR B 71 -5.49 26.68 26.10
N ARG B 72 -6.62 26.31 25.53
CA ARG B 72 -7.88 26.22 26.25
C ARG B 72 -8.53 24.87 25.93
N PRO B 73 -8.98 24.14 26.96
CA PRO B 73 -9.61 22.82 26.69
C PRO B 73 -10.94 22.92 25.99
N VAL B 74 -11.20 22.00 25.07
CA VAL B 74 -12.52 21.88 24.50
C VAL B 74 -13.33 21.17 25.57
N HIS B 75 -14.57 21.60 25.78
CA HIS B 75 -15.37 21.02 26.84
C HIS B 75 -15.45 19.51 26.63
N PRO B 76 -15.17 18.72 27.69
CA PRO B 76 -15.20 17.26 27.60
C PRO B 76 -16.44 16.69 26.90
N ALA B 77 -17.61 17.24 27.21
CA ALA B 77 -18.86 16.73 26.68
C ALA B 77 -18.99 16.99 25.19
N ASN B 78 -18.16 17.87 24.65
CA ASN B 78 -18.19 18.18 23.22
C ASN B 78 -17.17 17.35 22.46
N VAL B 79 -15.94 17.33 22.96
CA VAL B 79 -14.87 16.66 22.23
C VAL B 79 -15.01 15.13 22.33
N LEU B 80 -15.49 14.64 23.46
CA LEU B 80 -15.64 13.19 23.64
C LEU B 80 -16.78 12.67 22.78
N GLU B 81 -17.86 13.44 22.68
CA GLU B 81 -18.97 13.09 21.80
C GLU B 81 -18.55 13.23 20.36
N LYS B 82 -17.83 14.32 20.06
CA LYS B 82 -17.35 14.58 18.71
C LYS B 82 -16.47 13.43 18.24
N PHE B 83 -15.61 12.93 19.13
CA PHE B 83 -14.73 11.82 18.80
C PHE B 83 -15.54 10.60 18.38
N ILE B 84 -16.49 10.21 19.23
CA ILE B 84 -17.27 9.00 19.01
C ILE B 84 -18.10 9.09 17.72
N GLN B 85 -18.67 10.26 17.45
CA GLN B 85 -19.46 10.43 16.23
C GLN B 85 -18.57 10.26 15.00
N ASP B 86 -17.40 10.88 15.04
CA ASP B 86 -16.45 10.79 13.93
C ASP B 86 -15.90 9.37 13.84
N TRP B 87 -15.62 8.76 14.98
CA TRP B 87 -15.12 7.39 15.02
C TRP B 87 -16.12 6.43 14.39
N GLN B 88 -17.38 6.58 14.77
CA GLN B 88 -18.44 5.72 14.29
C GLN B 88 -18.61 5.82 12.77
N GLU B 89 -18.45 7.03 12.23
CA GLU B 89 -18.54 7.27 10.79
C GLU B 89 -17.32 6.73 10.04
N ARG B 90 -16.13 6.86 10.63
CA ARG B 90 -14.91 6.30 10.03
C ARG B 90 -15.07 4.80 9.90
N VAL B 91 -15.59 4.17 10.94
CA VAL B 91 -15.85 2.75 10.96
C VAL B 91 -16.73 2.31 9.79
N LYS B 92 -17.90 2.92 9.68
CA LYS B 92 -18.87 2.53 8.66
C LYS B 92 -18.29 2.62 7.25
N GLU B 93 -17.47 3.63 7.00
CA GLU B 93 -16.82 3.72 5.70
C GLU B 93 -15.93 2.50 5.52
N GLU B 94 -15.18 2.15 6.57
CA GLU B 94 -14.32 0.97 6.53
C GLU B 94 -15.17 -0.29 6.32
N LEU B 95 -16.31 -0.34 6.98
CA LEU B 95 -17.22 -1.47 6.80
C LEU B 95 -17.53 -1.67 5.33
N GLU B 96 -17.94 -0.58 4.68
CA GLU B 96 -18.24 -0.62 3.25
C GLU B 96 -17.00 -1.08 2.50
N ALA B 97 -15.84 -0.55 2.89
CA ALA B 97 -14.57 -0.89 2.26
C ALA B 97 -14.26 -2.38 2.36
N LYS B 98 -14.58 -2.99 3.50
CA LYS B 98 -14.33 -4.42 3.69
C LYS B 98 -15.22 -5.25 2.79
N LYS B 99 -16.47 -4.85 2.66
CA LYS B 99 -17.41 -5.59 1.83
C LYS B 99 -17.07 -5.43 0.35
N LYS B 100 -16.45 -4.31 0.00
CA LYS B 100 -15.98 -4.10 -1.36
C LYS B 100 -14.66 -4.83 -1.61
N ALA B 101 -13.85 -4.94 -0.56
CA ALA B 101 -12.62 -5.71 -0.63
C ALA B 101 -12.91 -7.21 -0.76
N LYS B 102 -13.90 -7.69 0.00
CA LYS B 102 -14.33 -9.09 -0.08
C LYS B 102 -14.73 -9.42 -1.51
N GLU B 103 -15.62 -8.62 -2.09
CA GLU B 103 -16.12 -8.88 -3.43
C GLU B 103 -14.98 -8.97 -4.44
N GLU B 104 -14.01 -8.06 -4.35
CA GLU B 104 -12.88 -8.07 -5.28
C GLU B 104 -12.00 -9.31 -5.07
N LEU B 105 -11.81 -9.73 -3.83
CA LEU B 105 -11.05 -10.94 -3.54
C LEU B 105 -11.71 -12.19 -4.12
N LEU B 106 -13.04 -12.27 -4.03
CA LEU B 106 -13.77 -13.40 -4.57
C LEU B 106 -13.64 -13.48 -6.09
N GLU B 107 -13.61 -12.32 -6.75
CA GLU B 107 -13.39 -12.26 -8.19
C GLU B 107 -11.95 -12.64 -8.54
N LEU B 108 -10.99 -12.14 -7.77
CA LEU B 108 -9.57 -12.39 -8.04
C LEU B 108 -9.21 -13.84 -7.79
N MET B 109 -9.88 -14.47 -6.82
CA MET B 109 -9.58 -15.84 -6.45
C MET B 109 -10.43 -16.85 -7.22
N ALA B 110 -11.30 -16.36 -8.09
CA ALA B 110 -12.13 -17.27 -8.89
C ALA B 110 -11.28 -18.12 -9.84
N PRO B 111 -10.27 -17.53 -10.51
CA PRO B 111 -9.36 -18.35 -11.31
C PRO B 111 -8.65 -19.44 -10.51
N LEU B 112 -8.53 -19.23 -9.21
CA LEU B 112 -7.82 -20.17 -8.36
C LEU B 112 -8.71 -21.36 -7.98
N ILE B 113 -10.02 -21.19 -8.10
CA ILE B 113 -10.96 -22.27 -7.77
C ILE B 113 -11.64 -22.79 -9.04
N GLU B 114 -11.63 -21.96 -10.09
CA GLU B 114 -12.23 -22.33 -11.37
C GLU B 114 -11.37 -23.32 -12.16
N THR B 115 -10.07 -23.09 -12.17
CA THR B 115 -9.13 -23.99 -12.83
C THR B 115 -9.14 -25.30 -12.07
N GLU B 116 -10.15 -26.12 -12.33
CA GLU B 116 -10.40 -27.33 -11.55
C GLU B 116 -9.44 -28.47 -11.92
N VAL B 117 -8.18 -28.33 -11.51
CA VAL B 117 -7.19 -29.38 -11.68
C VAL B 117 -6.83 -29.83 -10.26
N PRO B 118 -7.68 -30.70 -9.66
CA PRO B 118 -7.68 -31.04 -8.24
C PRO B 118 -6.47 -31.81 -7.72
N LYS B 119 -5.28 -31.23 -7.83
CA LYS B 119 -4.07 -31.90 -7.36
C LYS B 119 -3.65 -31.30 -6.02
N TYR B 120 -2.69 -31.91 -5.33
CA TYR B 120 -2.17 -31.32 -4.10
C TYR B 120 -1.06 -30.31 -4.39
N GLY B 121 -0.77 -29.48 -3.39
CA GLY B 121 0.34 -28.55 -3.43
C GLY B 121 1.65 -29.31 -3.34
N VAL B 122 1.54 -30.59 -2.98
CA VAL B 122 2.69 -31.45 -2.85
C VAL B 122 3.29 -31.56 -4.25
N GLU B 123 4.57 -31.89 -4.32
CA GLU B 123 5.24 -32.02 -5.59
C GLU B 123 4.61 -33.21 -6.34
N ARG B 124 4.68 -33.18 -7.67
CA ARG B 124 4.07 -34.22 -8.50
C ARG B 124 5.09 -35.19 -9.05
N VAL B 125 6.37 -34.85 -8.91
CA VAL B 125 7.47 -35.70 -9.34
C VAL B 125 8.35 -36.08 -8.16
N TRP B 126 8.66 -37.37 -8.08
CA TRP B 126 9.43 -37.90 -6.95
C TRP B 126 10.34 -39.00 -7.46
N VAL B 127 11.65 -38.79 -7.32
CA VAL B 127 12.65 -39.74 -7.77
C VAL B 127 13.05 -40.66 -6.62
N VAL B 128 13.02 -41.97 -6.87
CA VAL B 128 13.32 -42.94 -5.84
C VAL B 128 14.55 -43.76 -6.24
N ARG B 129 15.47 -43.92 -5.30
CA ARG B 129 16.70 -44.66 -5.53
C ARG B 129 16.84 -45.75 -4.46
N GLY B 130 17.31 -46.92 -4.89
CA GLY B 130 17.50 -48.04 -3.99
C GLY B 130 16.21 -48.85 -3.88
N ILE B 131 16.32 -50.09 -3.41
CA ILE B 131 15.17 -50.97 -3.33
C ILE B 131 14.29 -50.69 -2.11
N LYS B 132 14.91 -50.54 -0.95
CA LYS B 132 14.12 -50.35 0.28
C LYS B 132 13.19 -49.15 0.08
N ASN B 133 13.74 -48.05 -0.42
CA ASN B 133 12.95 -46.86 -0.69
C ASN B 133 11.89 -47.18 -1.77
N SER B 134 12.28 -47.99 -2.75
CA SER B 134 11.39 -48.38 -3.84
C SER B 134 10.15 -49.09 -3.32
N THR B 135 10.36 -50.09 -2.47
CA THR B 135 9.26 -50.90 -1.95
C THR B 135 8.36 -50.10 -1.01
N LEU B 136 8.94 -49.14 -0.30
CA LEU B 136 8.17 -48.27 0.58
C LEU B 136 7.29 -47.33 -0.23
N LYS B 137 7.81 -46.82 -1.34
CA LYS B 137 7.02 -45.94 -2.19
C LYS B 137 5.91 -46.75 -2.86
N THR B 138 6.24 -47.97 -3.24
CA THR B 138 5.28 -48.88 -3.87
C THR B 138 4.22 -49.30 -2.87
N LYS B 139 4.66 -49.60 -1.66
CA LYS B 139 3.76 -49.96 -0.58
C LYS B 139 2.78 -48.82 -0.39
N GLU B 140 3.32 -47.60 -0.31
CA GLU B 140 2.52 -46.41 -0.09
C GLU B 140 1.40 -46.29 -1.12
N MET B 141 1.75 -46.36 -2.41
CA MET B 141 0.79 -46.21 -3.49
C MET B 141 -0.36 -47.20 -3.40
N LEU B 142 -0.02 -48.45 -3.11
CA LEU B 142 -1.02 -49.50 -3.06
C LEU B 142 -2.01 -49.25 -1.93
N GLU B 143 -1.50 -48.72 -0.82
CA GLU B 143 -2.35 -48.37 0.31
C GLU B 143 -3.06 -47.04 0.05
N GLU B 144 -2.48 -46.18 -0.80
CA GLU B 144 -3.11 -44.90 -1.12
C GLU B 144 -4.18 -45.04 -2.20
N ALA B 145 -4.07 -46.07 -3.02
CA ALA B 145 -5.00 -46.28 -4.13
C ALA B 145 -6.44 -46.42 -3.63
N GLN B 146 -7.38 -45.81 -4.33
CA GLN B 146 -8.80 -45.87 -3.95
C GLN B 146 -9.71 -46.36 -5.07
N ASN B 147 -9.28 -46.24 -6.31
CA ASN B 147 -10.10 -46.62 -7.45
C ASN B 147 -9.59 -47.86 -8.19
N GLU B 148 -8.41 -47.76 -8.80
CA GLU B 148 -7.88 -48.88 -9.58
C GLU B 148 -6.36 -49.02 -9.46
N ILE B 149 -5.89 -50.25 -9.64
CA ILE B 149 -4.47 -50.56 -9.64
C ILE B 149 -4.12 -51.32 -10.90
N LEU B 150 -3.20 -50.75 -11.69
CA LEU B 150 -2.65 -51.44 -12.85
C LEU B 150 -1.18 -51.70 -12.59
N LEU B 151 -0.79 -52.96 -12.62
CA LEU B 151 0.59 -53.33 -12.36
C LEU B 151 1.14 -54.22 -13.47
N ALA B 152 2.17 -53.73 -14.14
CA ALA B 152 2.95 -54.55 -15.07
C ALA B 152 4.24 -54.94 -14.35
N ASP B 153 4.32 -56.20 -13.94
CA ASP B 153 5.33 -56.63 -13.00
C ASP B 153 6.27 -57.70 -13.54
N ASP B 154 7.54 -57.34 -13.75
CA ASP B 154 8.56 -58.33 -14.01
C ASP B 154 9.48 -58.44 -12.79
N GLY B 155 8.97 -57.97 -11.66
CA GLY B 155 9.71 -58.04 -10.40
C GLY B 155 9.20 -59.20 -9.57
N PHE B 156 9.65 -59.35 -8.32
CA PHE B 156 10.24 -58.32 -7.45
C PHE B 156 9.33 -57.10 -7.20
N ILE B 157 8.03 -57.28 -7.36
CA ILE B 157 7.05 -56.35 -6.79
C ILE B 157 5.96 -57.19 -6.15
N ALA B 158 5.28 -58.00 -6.96
CA ALA B 158 4.28 -58.92 -6.45
C ALA B 158 4.95 -59.88 -5.47
N VAL B 159 6.24 -60.11 -5.68
CA VAL B 159 7.02 -60.93 -4.78
C VAL B 159 8.02 -60.03 -4.03
N ASN B 160 7.92 -59.92 -2.69
CA ASN B 160 6.71 -60.19 -1.90
C ASN B 160 6.12 -58.90 -1.30
N LEU B 161 5.49 -58.07 -2.13
CA LEU B 161 4.64 -57.00 -1.62
C LEU B 161 3.17 -57.43 -1.71
N GLU B 162 2.97 -58.73 -1.85
CA GLU B 162 1.64 -59.33 -1.96
C GLU B 162 0.60 -58.81 -0.98
N ASP B 163 0.94 -58.74 0.30
CA ASP B 163 -0.03 -58.36 1.34
C ASP B 163 -0.52 -56.93 1.19
N ASP B 164 0.18 -56.13 0.40
CA ASP B 164 -0.23 -54.76 0.13
C ASP B 164 -1.14 -54.74 -1.09
N ILE B 165 -0.86 -55.63 -2.04
CA ILE B 165 -1.67 -55.76 -3.23
C ILE B 165 -3.07 -56.26 -2.86
N ILE B 166 -3.14 -57.37 -2.13
CA ILE B 166 -4.42 -57.98 -1.79
C ILE B 166 -5.18 -57.11 -0.79
N LYS B 167 -4.46 -56.40 0.07
CA LYS B 167 -5.10 -55.47 0.99
C LYS B 167 -5.93 -54.47 0.19
N ALA B 168 -5.35 -53.98 -0.91
CA ALA B 168 -6.04 -53.05 -1.79
C ALA B 168 -7.25 -53.71 -2.44
N VAL B 169 -7.10 -54.97 -2.84
CA VAL B 169 -8.21 -55.73 -3.42
C VAL B 169 -9.33 -55.88 -2.39
N ASP B 170 -8.95 -56.11 -1.14
CA ASP B 170 -9.92 -56.28 -0.06
C ASP B 170 -10.71 -55.00 0.21
N ARG B 171 -10.17 -53.87 -0.22
CA ARG B 171 -10.82 -52.57 -0.07
C ARG B 171 -11.68 -52.22 -1.28
N GLY B 172 -11.81 -53.15 -2.21
CA GLY B 172 -12.63 -52.95 -3.39
C GLY B 172 -11.94 -52.22 -4.52
N VAL B 173 -10.61 -52.19 -4.47
CA VAL B 173 -9.82 -51.50 -5.48
C VAL B 173 -9.68 -52.36 -6.73
N LYS B 174 -10.05 -51.81 -7.89
CA LYS B 174 -9.99 -52.53 -9.16
C LYS B 174 -8.57 -52.87 -9.56
N THR B 175 -8.13 -54.08 -9.21
CA THR B 175 -6.74 -54.50 -9.46
C THR B 175 -6.60 -55.31 -10.74
N LYS B 176 -5.59 -54.97 -11.53
CA LYS B 176 -5.22 -55.77 -12.70
C LYS B 176 -3.70 -56.01 -12.71
N ILE B 177 -3.29 -57.27 -12.67
CA ILE B 177 -1.87 -57.61 -12.65
C ILE B 177 -1.41 -58.32 -13.91
N LEU B 178 -0.44 -57.70 -14.58
CA LEU B 178 0.26 -58.32 -15.71
C LEU B 178 1.67 -58.64 -15.24
N LEU B 179 2.12 -59.88 -15.42
CA LEU B 179 3.47 -60.24 -15.01
C LEU B 179 4.14 -61.15 -16.04
N THR B 180 5.47 -61.19 -16.00
CA THR B 180 6.24 -61.97 -16.95
C THR B 180 6.02 -63.47 -16.77
N LYS B 181 5.86 -64.17 -17.89
CA LYS B 181 5.70 -65.61 -17.87
C LYS B 181 6.95 -66.26 -17.28
N ASN B 182 8.11 -65.65 -17.51
CA ASN B 182 9.38 -66.24 -17.11
C ASN B 182 9.53 -66.47 -15.60
N LEU B 183 8.86 -65.65 -14.79
CA LEU B 183 8.89 -65.79 -13.34
C LEU B 183 7.54 -66.24 -12.81
N LEU B 184 6.63 -66.54 -13.72
CA LEU B 184 5.24 -66.85 -13.41
C LEU B 184 5.06 -67.94 -12.34
N PRO B 185 5.75 -69.09 -12.50
CA PRO B 185 5.48 -70.17 -11.53
C PRO B 185 5.87 -69.88 -10.09
N ARG B 186 6.54 -68.76 -9.82
CA ARG B 186 6.90 -68.42 -8.45
C ARG B 186 5.68 -68.19 -7.57
N LEU B 187 4.56 -67.81 -8.19
CA LEU B 187 3.37 -67.46 -7.45
C LEU B 187 2.38 -68.60 -7.30
N LYS B 188 2.78 -69.81 -7.67
CA LYS B 188 1.84 -70.96 -7.68
C LYS B 188 1.29 -71.32 -6.30
N ALA B 189 1.91 -70.82 -5.23
CA ALA B 189 1.36 -71.02 -3.89
C ALA B 189 1.12 -69.68 -3.20
N SER B 190 0.86 -68.65 -4.01
CA SER B 190 0.64 -67.30 -3.50
C SER B 190 -0.84 -67.04 -3.21
N LYS B 191 -1.14 -65.93 -2.54
CA LYS B 191 -2.51 -65.50 -2.36
C LYS B 191 -3.03 -64.82 -3.63
N ILE B 192 -2.12 -64.21 -4.38
CA ILE B 192 -2.46 -63.51 -5.60
C ILE B 192 -3.13 -64.44 -6.59
N ILE B 193 -2.60 -65.65 -6.72
CA ILE B 193 -3.13 -66.61 -7.67
C ILE B 193 -4.53 -67.06 -7.26
N ASP B 194 -4.78 -67.04 -5.95
CA ASP B 194 -6.08 -67.44 -5.43
C ASP B 194 -7.09 -66.34 -5.72
N TYR B 195 -6.69 -65.10 -5.46
CA TYR B 195 -7.53 -63.93 -5.74
C TYR B 195 -7.78 -63.74 -7.23
N ALA B 196 -6.88 -64.29 -8.05
CA ALA B 196 -7.03 -64.20 -9.50
C ALA B 196 -8.16 -65.08 -9.98
N LYS B 197 -8.40 -66.19 -9.28
CA LYS B 197 -9.39 -67.17 -9.69
C LYS B 197 -10.76 -66.99 -9.03
N GLU B 198 -10.78 -66.42 -7.83
CA GLU B 198 -12.03 -66.30 -7.06
C GLU B 198 -13.16 -65.50 -7.73
N GLY B 199 -12.87 -64.55 -8.61
CA GLY B 199 -11.61 -63.84 -8.69
C GLY B 199 -11.96 -62.40 -8.47
N LYS B 200 -11.15 -61.75 -7.65
CA LYS B 200 -11.40 -60.40 -7.20
C LYS B 200 -10.47 -59.43 -7.91
N LEU B 201 -9.57 -59.99 -8.71
CA LEU B 201 -8.64 -59.22 -9.53
C LEU B 201 -8.46 -59.92 -10.87
N GLU B 202 -8.12 -59.16 -11.91
CA GLU B 202 -7.82 -59.77 -13.21
C GLU B 202 -6.32 -59.96 -13.30
N LEU B 203 -5.89 -61.10 -13.82
CA LEU B 203 -4.48 -61.39 -13.94
C LEU B 203 -4.15 -62.02 -15.28
N ARG B 204 -3.11 -61.50 -15.90
CA ARG B 204 -2.61 -62.01 -17.16
C ARG B 204 -1.09 -62.03 -17.10
N ALA B 205 -0.46 -62.54 -18.15
CA ALA B 205 0.99 -62.62 -18.18
C ALA B 205 1.53 -62.49 -19.60
N LEU B 206 2.81 -62.16 -19.71
CA LEU B 206 3.45 -62.02 -21.01
C LEU B 206 4.95 -62.21 -20.87
N ASP B 207 5.53 -63.09 -21.68
CA ASP B 207 6.94 -63.47 -21.55
C ASP B 207 7.86 -62.24 -21.67
N LYS B 208 7.39 -61.18 -22.34
CA LYS B 208 8.19 -59.96 -22.45
C LYS B 208 7.40 -58.71 -22.83
N PHE B 209 7.51 -57.70 -21.97
CA PHE B 209 7.09 -56.34 -22.29
C PHE B 209 8.25 -55.40 -21.92
N ASP B 210 8.30 -54.24 -22.57
CA ASP B 210 9.47 -53.37 -22.47
C ASP B 210 9.37 -52.35 -21.34
N LEU B 211 8.15 -51.92 -21.02
CA LEU B 211 7.95 -50.89 -20.00
C LEU B 211 7.04 -51.34 -18.86
N PRO B 212 7.63 -51.94 -17.81
CA PRO B 212 6.89 -52.25 -16.58
C PRO B 212 6.48 -50.98 -15.83
N MET B 213 5.50 -51.09 -14.92
CA MET B 213 4.97 -49.91 -14.25
C MET B 213 3.95 -50.24 -13.17
N LEU B 214 3.76 -49.30 -12.24
CA LEU B 214 2.67 -49.37 -11.28
C LEU B 214 1.83 -48.09 -11.35
N ILE B 215 0.53 -48.27 -11.63
CA ILE B 215 -0.40 -47.15 -11.77
C ILE B 215 -1.42 -47.20 -10.64
N CYS B 216 -1.55 -46.11 -9.90
CA CYS B 216 -2.48 -46.06 -8.78
C CYS B 216 -3.24 -44.74 -8.74
N ASP B 217 -4.25 -44.61 -9.60
CA ASP B 217 -5.15 -43.47 -9.60
C ASP B 217 -4.44 -42.16 -9.92
N GLU B 218 -4.10 -41.96 -11.19
CA GLU B 218 -3.44 -40.73 -11.62
C GLU B 218 -2.08 -40.59 -10.94
N GLU B 219 -1.50 -41.73 -10.60
CA GLU B 219 -0.12 -41.79 -10.14
C GLU B 219 0.54 -42.93 -10.89
N VAL B 220 1.78 -42.74 -11.31
CA VAL B 220 2.52 -43.82 -11.95
C VAL B 220 3.92 -43.90 -11.36
N PHE B 221 4.38 -45.12 -11.15
CA PHE B 221 5.70 -45.37 -10.60
C PHE B 221 6.40 -46.40 -11.47
N PHE B 222 7.45 -45.95 -12.14
CA PHE B 222 8.14 -46.75 -13.14
C PHE B 222 9.64 -46.54 -13.01
N ALA B 223 10.40 -47.41 -13.65
CA ALA B 223 11.85 -47.39 -13.54
C ALA B 223 12.48 -46.88 -14.82
N LEU B 224 13.60 -46.17 -14.68
CA LEU B 224 14.40 -45.73 -15.82
C LEU B 224 15.37 -46.82 -16.26
N TYR B 234 23.09 -49.94 -9.62
CA TYR B 234 22.14 -48.96 -9.13
C TYR B 234 20.89 -48.91 -10.02
N GLU B 235 19.78 -48.46 -9.44
CA GLU B 235 18.52 -48.36 -10.17
C GLU B 235 17.79 -47.09 -9.74
N THR B 236 17.25 -46.38 -10.72
CA THR B 236 16.55 -45.12 -10.50
C THR B 236 15.12 -45.15 -11.03
N GLN B 237 14.17 -44.86 -10.14
CA GLN B 237 12.75 -44.95 -10.49
C GLN B 237 12.08 -43.60 -10.32
N VAL B 238 11.03 -43.38 -11.12
CA VAL B 238 10.37 -42.09 -11.18
C VAL B 238 8.87 -42.22 -10.91
N TRP B 239 8.39 -41.39 -10.00
CA TRP B 239 6.98 -41.33 -9.64
C TRP B 239 6.38 -40.01 -10.18
N ILE B 240 5.23 -40.12 -10.84
CA ILE B 240 4.55 -38.95 -11.38
C ILE B 240 3.08 -38.98 -10.99
N LYS B 241 2.59 -37.85 -10.49
CA LYS B 241 1.19 -37.68 -10.14
C LYS B 241 0.50 -36.67 -11.07
N ASP B 242 0.01 -37.15 -12.21
CA ASP B 242 -0.63 -36.27 -13.18
C ASP B 242 -1.52 -37.01 -14.17
N HIS B 243 -2.78 -36.61 -14.25
CA HIS B 243 -3.76 -37.25 -15.13
C HIS B 243 -3.29 -37.44 -16.58
N ARG B 244 -2.74 -36.39 -17.18
CA ARG B 244 -2.39 -36.44 -18.60
C ARG B 244 -1.18 -37.33 -18.88
N VAL B 245 -0.22 -37.35 -17.96
CA VAL B 245 0.96 -38.19 -18.12
C VAL B 245 0.60 -39.64 -17.86
N VAL B 246 -0.13 -39.89 -16.78
CA VAL B 246 -0.56 -41.23 -16.42
C VAL B 246 -1.41 -41.87 -17.52
N ALA B 247 -2.24 -41.07 -18.17
CA ALA B 247 -3.10 -41.57 -19.25
C ALA B 247 -2.27 -42.26 -20.32
N LEU B 248 -1.06 -41.75 -20.58
CA LEU B 248 -0.16 -42.38 -21.54
C LEU B 248 0.25 -43.75 -21.05
N PHE B 249 0.61 -43.83 -19.78
CA PHE B 249 1.06 -45.09 -19.19
C PHE B 249 -0.10 -46.07 -19.09
N LYS B 250 -1.31 -45.55 -18.94
CA LYS B 250 -2.51 -46.39 -18.92
C LYS B 250 -2.80 -46.90 -20.32
N GLU B 251 -2.63 -46.04 -21.32
CA GLU B 251 -2.78 -46.46 -22.72
C GLU B 251 -1.82 -47.58 -23.08
N LYS B 252 -0.58 -47.49 -22.58
CA LYS B 252 0.41 -48.52 -22.86
C LYS B 252 0.12 -49.81 -22.11
N PHE B 253 -0.34 -49.68 -20.87
CA PHE B 253 -0.70 -50.87 -20.10
C PHE B 253 -1.76 -51.67 -20.82
N ASN B 254 -2.77 -50.98 -21.34
CA ASN B 254 -3.89 -51.64 -22.01
C ASN B 254 -3.46 -52.31 -23.32
N GLU B 255 -2.34 -51.86 -23.89
CA GLU B 255 -1.78 -52.51 -25.07
C GLU B 255 -1.06 -53.81 -24.69
N TYR B 256 -0.26 -53.75 -23.62
CA TYR B 256 0.43 -54.93 -23.09
C TYR B 256 -0.59 -55.92 -22.53
N TRP B 257 -1.72 -55.39 -22.05
CA TRP B 257 -2.73 -56.17 -21.33
C TRP B 257 -3.33 -57.29 -22.17
N GLU B 258 -3.33 -57.11 -23.49
CA GLU B 258 -3.92 -58.09 -24.41
C GLU B 258 -2.96 -59.18 -24.92
N LYS B 259 -3.14 -60.45 -24.51
CA LYS B 259 -3.87 -60.89 -23.31
C LYS B 259 -3.16 -62.15 -22.78
N ALA B 260 -3.88 -63.00 -22.05
CA ALA B 260 -3.29 -64.20 -21.42
C ALA B 260 -4.24 -64.92 -20.47
N GLU B 261 -3.92 -66.19 -20.21
CA GLU B 261 -4.66 -67.05 -19.29
C GLU B 261 -3.99 -67.17 -17.91
N LYS B 262 -4.59 -67.88 -16.95
CA LYS B 262 -5.99 -68.32 -16.97
C LYS B 262 -6.68 -67.83 -15.70
N SER C 1 -7.62 11.07 -0.68
CA SER C 1 -6.81 11.10 -1.88
C SER C 1 -5.35 11.40 -1.57
N LYS C 2 -5.10 12.09 -0.46
CA LYS C 2 -3.75 12.40 -0.04
C LYS C 2 -2.92 11.13 0.10
N ASP C 3 -3.53 10.11 0.70
CA ASP C 3 -2.88 8.83 0.91
C ASP C 3 -2.38 8.23 -0.40
N ARG C 4 -3.18 8.39 -1.45
CA ARG C 4 -2.80 7.90 -2.77
C ARG C 4 -1.57 8.64 -3.30
N MET C 5 -1.53 9.95 -3.07
CA MET C 5 -0.40 10.76 -3.52
C MET C 5 0.86 10.30 -2.80
N VAL C 6 0.73 9.99 -1.52
CA VAL C 6 1.85 9.50 -0.74
C VAL C 6 2.30 8.13 -1.23
N GLU C 7 1.34 7.25 -1.49
CA GLU C 7 1.62 5.91 -1.99
C GLU C 7 2.42 6.00 -3.29
N LEU C 8 1.91 6.78 -4.23
CA LEU C 8 2.52 6.90 -5.55
C LEU C 8 3.94 7.44 -5.48
N LEU C 9 4.15 8.43 -4.62
CA LEU C 9 5.46 9.03 -4.42
C LEU C 9 6.42 8.02 -3.82
N GLN C 10 5.90 7.22 -2.90
CA GLN C 10 6.70 6.29 -2.12
C GLN C 10 7.13 5.05 -2.91
N GLU C 11 6.23 4.51 -3.73
CA GLU C 11 6.52 3.31 -4.52
C GLU C 11 7.25 3.56 -5.84
N HIS C 12 7.13 4.75 -6.40
CA HIS C 12 7.63 5.00 -7.75
C HIS C 12 8.68 6.10 -7.85
N PHE C 13 8.70 7.03 -6.90
CA PHE C 13 9.64 8.13 -6.94
C PHE C 13 10.60 8.10 -5.74
N GLU C 14 10.74 6.90 -5.18
CA GLU C 14 11.76 6.60 -4.17
C GLU C 14 11.79 7.54 -2.97
N LEU C 15 10.64 8.05 -2.58
CA LEU C 15 10.54 8.80 -1.34
C LEU C 15 10.09 7.86 -0.23
N ASN C 16 10.59 8.06 0.98
CA ASN C 16 10.12 7.29 2.12
C ASN C 16 8.79 7.88 2.57
N LEU C 17 8.21 7.33 3.63
CA LEU C 17 6.89 7.76 4.08
C LEU C 17 6.84 9.26 4.40
N TYR C 18 7.78 9.70 5.22
CA TYR C 18 7.79 11.08 5.69
C TYR C 18 8.17 12.05 4.59
N GLU C 19 9.07 11.64 3.71
CA GLU C 19 9.46 12.49 2.58
C GLU C 19 8.26 12.71 1.66
N ALA C 20 7.50 11.66 1.40
CA ALA C 20 6.32 11.76 0.54
C ALA C 20 5.27 12.67 1.17
N ARG C 21 5.03 12.49 2.47
CA ARG C 21 4.06 13.31 3.19
C ARG C 21 4.48 14.78 3.15
N ALA C 22 5.76 15.03 3.39
CA ALA C 22 6.28 16.39 3.43
C ALA C 22 6.18 17.08 2.07
N TYR C 23 6.45 16.33 0.98
CA TYR C 23 6.38 16.92 -0.35
C TYR C 23 4.96 17.36 -0.66
N VAL C 24 3.98 16.52 -0.32
CA VAL C 24 2.58 16.87 -0.53
C VAL C 24 2.27 18.13 0.27
N ALA C 25 2.75 18.19 1.51
CA ALA C 25 2.51 19.34 2.37
C ALA C 25 3.11 20.61 1.79
N LEU C 26 4.31 20.51 1.23
CA LEU C 26 4.93 21.66 0.59
C LEU C 26 4.07 22.17 -0.57
N VAL C 27 3.61 21.24 -1.40
CA VAL C 27 2.78 21.59 -2.54
C VAL C 27 1.51 22.27 -2.06
N ALA C 28 0.90 21.70 -1.03
CA ALA C 28 -0.36 22.20 -0.49
C ALA C 28 -0.21 23.59 0.15
N PHE C 29 0.80 23.76 0.97
CA PHE C 29 0.95 25.00 1.75
C PHE C 29 1.87 26.03 1.09
N GLY C 30 2.59 25.63 0.06
CA GLY C 30 3.41 26.59 -0.67
C GLY C 30 4.76 26.81 -0.04
N VAL C 31 4.80 26.88 1.28
CA VAL C 31 6.04 27.10 2.00
C VAL C 31 5.95 26.59 3.43
N LEU C 32 7.00 25.90 3.87
CA LEU C 32 7.05 25.38 5.22
C LEU C 32 8.43 25.55 5.82
N THR C 33 8.45 25.76 7.13
CA THR C 33 9.67 25.59 7.92
C THR C 33 9.55 24.24 8.60
N PRO C 34 10.67 23.67 9.05
CA PRO C 34 10.61 22.41 9.78
C PRO C 34 9.57 22.42 10.90
N ALA C 35 9.40 23.58 11.54
CA ALA C 35 8.39 23.72 12.58
C ALA C 35 6.98 23.61 12.01
N GLU C 36 6.75 24.30 10.88
CA GLU C 36 5.42 24.29 10.25
C GLU C 36 5.09 22.90 9.71
N LEU C 37 6.10 22.20 9.18
CA LEU C 37 5.89 20.86 8.67
C LEU C 37 5.40 19.95 9.79
N ALA C 38 6.04 20.07 10.96
CA ALA C 38 5.65 19.29 12.13
C ALA C 38 4.20 19.54 12.46
N SER C 39 3.77 20.80 12.33
CA SER C 39 2.44 21.22 12.72
C SER C 39 1.33 20.71 11.82
N VAL C 40 1.58 20.70 10.51
CA VAL C 40 0.54 20.34 9.55
C VAL C 40 0.51 18.85 9.20
N SER C 41 1.67 18.19 9.23
CA SER C 41 1.77 16.80 8.79
C SER C 41 1.99 15.81 9.93
N GLU C 42 2.12 14.54 9.59
CA GLU C 42 2.36 13.48 10.56
C GLU C 42 3.83 13.09 10.65
N VAL C 43 4.71 14.00 10.25
CA VAL C 43 6.13 13.78 10.43
C VAL C 43 6.47 14.24 11.85
N PRO C 44 7.09 13.36 12.66
CA PRO C 44 7.47 13.78 14.00
C PRO C 44 8.37 15.02 14.01
N ALA C 45 8.21 15.86 15.04
CA ALA C 45 8.90 17.14 15.13
C ALA C 45 10.41 17.06 14.86
N PRO C 46 11.13 16.19 15.59
CA PRO C 46 12.59 16.19 15.42
C PRO C 46 13.06 15.68 14.06
N ARG C 47 12.14 15.14 13.27
CA ARG C 47 12.46 14.55 11.99
C ARG C 47 12.26 15.52 10.84
N THR C 48 11.54 16.61 11.11
CA THR C 48 11.10 17.53 10.06
C THR C 48 12.22 18.30 9.37
N TYR C 49 13.34 18.52 10.06
CA TYR C 49 14.44 19.23 9.42
C TYR C 49 15.05 18.33 8.36
N ASP C 50 15.40 17.11 8.75
CA ASP C 50 16.06 16.17 7.86
C ASP C 50 15.19 15.81 6.65
N VAL C 51 13.87 15.75 6.85
CA VAL C 51 12.95 15.41 5.78
C VAL C 51 12.95 16.49 4.69
N LEU C 52 12.85 17.74 5.11
CA LEU C 52 12.83 18.84 4.15
C LEU C 52 14.21 18.96 3.50
N ARG C 53 15.24 18.70 4.28
CA ARG C 53 16.61 18.81 3.77
C ARG C 53 16.89 17.74 2.72
N SER C 54 16.33 16.54 2.91
CA SER C 54 16.51 15.46 1.96
C SER C 54 15.66 15.65 0.70
N LEU C 55 14.49 16.25 0.85
CA LEU C 55 13.65 16.57 -0.30
C LEU C 55 14.35 17.60 -1.19
N GLU C 56 15.05 18.54 -0.56
CA GLU C 56 15.84 19.52 -1.29
C GLU C 56 16.90 18.79 -2.10
N LYS C 57 17.62 17.90 -1.43
CA LYS C 57 18.67 17.12 -2.06
C LYS C 57 18.13 16.32 -3.26
N LYS C 58 16.96 15.72 -3.08
CA LYS C 58 16.37 14.86 -4.10
C LYS C 58 15.74 15.67 -5.24
N GLY C 59 15.54 16.97 -5.00
CA GLY C 59 14.98 17.84 -6.02
C GLY C 59 13.49 18.11 -5.87
N PHE C 60 12.93 17.72 -4.72
CA PHE C 60 11.51 17.91 -4.46
C PHE C 60 11.23 19.22 -3.73
N ALA C 61 12.25 19.78 -3.09
CA ALA C 61 12.10 21.02 -2.34
C ALA C 61 13.11 22.06 -2.78
N MET C 62 12.79 23.33 -2.52
CA MET C 62 13.65 24.44 -2.91
C MET C 62 13.81 25.39 -1.73
N THR C 63 15.00 25.99 -1.60
CA THR C 63 15.26 26.91 -0.50
C THR C 63 16.27 28.01 -0.84
N GLN C 64 16.38 28.96 0.08
CA GLN C 64 17.30 30.09 -0.01
C GLN C 64 18.54 29.78 0.84
N PRO C 65 19.68 30.44 0.55
CA PRO C 65 20.96 30.19 1.23
C PRO C 65 20.88 30.04 2.76
N GLY C 66 20.13 30.91 3.42
CA GLY C 66 19.96 30.85 4.86
C GLY C 66 20.91 31.71 5.68
N LYS C 67 21.03 31.46 6.98
CA LYS C 67 20.34 30.36 7.64
C LYS C 67 18.82 30.48 7.79
N THR C 68 18.25 31.55 7.26
CA THR C 68 16.83 31.77 7.36
C THR C 68 16.14 30.80 6.39
N ASN C 69 16.31 29.51 6.65
CA ASN C 69 15.88 28.44 5.74
C ASN C 69 14.41 28.06 5.79
N LYS C 70 13.69 28.45 4.74
CA LYS C 70 12.30 28.06 4.52
C LYS C 70 12.29 27.13 3.30
N TYR C 71 11.42 26.13 3.30
CA TYR C 71 11.40 25.18 2.19
C TYR C 71 10.10 25.33 1.41
N ARG C 72 10.22 25.26 0.08
CA ARG C 72 9.07 25.40 -0.80
C ARG C 72 9.12 24.31 -1.89
N PRO C 73 7.95 23.83 -2.33
CA PRO C 73 7.90 22.75 -3.31
C PRO C 73 8.38 23.14 -4.70
N VAL C 74 9.00 22.19 -5.39
CA VAL C 74 9.27 22.30 -6.82
C VAL C 74 8.10 21.68 -7.53
N HIS C 75 7.55 22.35 -8.54
CA HIS C 75 6.32 21.89 -9.17
C HIS C 75 6.45 20.41 -9.59
N PRO C 76 5.46 19.57 -9.25
CA PRO C 76 5.49 18.13 -9.56
C PRO C 76 5.88 17.77 -10.99
N ALA C 77 5.38 18.52 -11.97
CA ALA C 77 5.66 18.23 -13.37
C ALA C 77 7.13 18.43 -13.71
N ASN C 78 7.84 19.21 -12.89
CA ASN C 78 9.25 19.50 -13.12
C ASN C 78 10.16 18.65 -12.23
N VAL C 79 9.56 17.78 -11.43
CA VAL C 79 10.32 16.92 -10.52
C VAL C 79 10.12 15.46 -10.91
N LEU C 80 8.87 15.07 -11.06
CA LEU C 80 8.52 13.70 -11.37
C LEU C 80 9.11 13.30 -12.72
N GLU C 81 9.16 14.27 -13.63
CA GLU C 81 9.79 14.06 -14.93
C GLU C 81 11.31 13.95 -14.77
N LYS C 82 11.88 14.86 -13.99
CA LYS C 82 13.32 14.87 -13.76
C LYS C 82 13.77 13.61 -13.05
N PHE C 83 12.95 13.11 -12.13
CA PHE C 83 13.26 11.87 -11.45
C PHE C 83 13.37 10.72 -12.44
N ILE C 84 12.37 10.59 -13.30
CA ILE C 84 12.35 9.52 -14.30
C ILE C 84 13.57 9.60 -15.22
N GLN C 85 13.91 10.82 -15.66
CA GLN C 85 15.07 11.01 -16.52
C GLN C 85 16.33 10.51 -15.82
N ASP C 86 16.45 10.83 -14.53
CA ASP C 86 17.60 10.39 -13.75
C ASP C 86 17.58 8.88 -13.59
N TRP C 87 16.39 8.34 -13.29
CA TRP C 87 16.22 6.91 -13.11
C TRP C 87 16.61 6.12 -14.36
N GLN C 88 16.19 6.59 -15.52
CA GLN C 88 16.53 5.94 -16.78
C GLN C 88 18.04 5.87 -17.00
N GLU C 89 18.77 6.93 -16.67
CA GLU C 89 20.21 6.95 -16.83
C GLU C 89 20.90 6.04 -15.82
N ARG C 90 20.30 5.93 -14.64
CA ARG C 90 20.81 5.01 -13.62
C ARG C 90 20.65 3.57 -14.08
N VAL C 91 19.53 3.29 -14.74
CA VAL C 91 19.26 1.98 -15.30
C VAL C 91 20.30 1.60 -16.33
N LYS C 92 20.56 2.49 -17.29
CA LYS C 92 21.49 2.23 -18.38
C LYS C 92 22.86 1.83 -17.85
N GLU C 93 23.27 2.45 -16.74
CA GLU C 93 24.54 2.14 -16.09
C GLU C 93 24.55 0.76 -15.45
N GLU C 94 23.43 0.37 -14.86
CA GLU C 94 23.34 -0.94 -14.23
C GLU C 94 23.27 -2.04 -15.27
N LEU C 95 22.58 -1.77 -16.38
CA LEU C 95 22.47 -2.74 -17.46
C LEU C 95 23.85 -3.19 -17.95
N GLU C 96 24.72 -2.23 -18.23
CA GLU C 96 26.09 -2.54 -18.68
C GLU C 96 26.91 -3.11 -17.53
N ALA C 97 26.58 -2.72 -16.31
CA ALA C 97 27.24 -3.27 -15.13
C ALA C 97 26.97 -4.77 -15.05
N LYS C 98 25.75 -5.16 -15.42
CA LYS C 98 25.37 -6.57 -15.44
C LYS C 98 26.06 -7.31 -16.58
N LYS C 99 26.15 -6.66 -17.74
CA LYS C 99 26.83 -7.23 -18.90
C LYS C 99 28.30 -7.49 -18.57
N LYS C 100 28.94 -6.51 -17.93
CA LYS C 100 30.33 -6.64 -17.52
C LYS C 100 30.47 -7.80 -16.54
N ALA C 101 29.55 -7.86 -15.58
CA ALA C 101 29.56 -8.90 -14.56
C ALA C 101 29.39 -10.30 -15.17
N LYS C 102 28.43 -10.43 -16.08
CA LYS C 102 28.17 -11.70 -16.76
C LYS C 102 29.43 -12.25 -17.42
N GLU C 103 30.11 -11.40 -18.17
CA GLU C 103 31.29 -11.82 -18.91
C GLU C 103 32.43 -12.23 -17.98
N GLU C 104 32.61 -11.51 -16.87
CA GLU C 104 33.66 -11.87 -15.92
C GLU C 104 33.32 -13.21 -15.27
N LEU C 105 32.04 -13.40 -14.94
CA LEU C 105 31.59 -14.66 -14.37
C LEU C 105 31.88 -15.82 -15.33
N LEU C 106 31.58 -15.62 -16.60
CA LEU C 106 31.77 -16.67 -17.60
C LEU C 106 33.25 -17.01 -17.74
N GLU C 107 34.11 -16.01 -17.64
CA GLU C 107 35.54 -16.23 -17.74
C GLU C 107 36.07 -16.90 -16.48
N LEU C 108 35.56 -16.50 -15.32
CA LEU C 108 35.93 -17.13 -14.06
C LEU C 108 35.45 -18.58 -13.98
N MET C 109 34.28 -18.83 -14.58
CA MET C 109 33.69 -20.16 -14.53
C MET C 109 34.15 -21.05 -15.67
N ALA C 110 34.86 -20.48 -16.64
CA ALA C 110 35.31 -21.23 -17.81
C ALA C 110 36.08 -22.51 -17.44
N PRO C 111 37.03 -22.41 -16.49
CA PRO C 111 37.72 -23.63 -16.03
C PRO C 111 36.79 -24.62 -15.31
N LEU C 112 35.61 -24.17 -14.90
CA LEU C 112 34.69 -25.01 -14.15
C LEU C 112 33.65 -25.66 -15.06
N ILE C 113 33.33 -25.00 -16.18
CA ILE C 113 32.26 -25.48 -17.05
C ILE C 113 32.88 -26.24 -18.21
N GLU C 114 34.16 -25.99 -18.47
CA GLU C 114 34.92 -26.78 -19.43
C GLU C 114 35.66 -27.87 -18.64
N THR C 115 35.48 -29.13 -19.04
CA THR C 115 36.00 -30.25 -18.28
C THR C 115 35.36 -30.27 -16.89
N GLU C 116 34.04 -30.21 -16.87
CA GLU C 116 33.25 -30.12 -15.64
C GLU C 116 32.89 -31.39 -14.83
N VAL C 117 32.56 -32.55 -15.40
CA VAL C 117 32.89 -32.99 -16.75
C VAL C 117 31.73 -33.38 -17.68
N PRO C 118 30.50 -32.88 -17.45
CA PRO C 118 29.76 -32.10 -16.45
C PRO C 118 29.02 -32.94 -15.41
N LYS C 119 29.13 -34.26 -15.50
CA LYS C 119 28.46 -35.19 -14.58
C LYS C 119 26.99 -35.50 -14.94
N TYR C 120 26.43 -34.83 -15.95
CA TYR C 120 25.07 -35.19 -16.38
C TYR C 120 25.09 -36.11 -17.60
N GLY C 121 23.94 -36.74 -17.84
CA GLY C 121 23.77 -37.71 -18.91
C GLY C 121 23.52 -39.02 -18.20
N VAL C 122 24.21 -39.16 -17.07
CA VAL C 122 23.99 -40.26 -16.16
C VAL C 122 22.73 -39.96 -15.37
N GLU C 123 22.46 -38.68 -15.15
CA GLU C 123 21.20 -38.27 -14.56
C GLU C 123 20.19 -38.17 -15.70
N ARG C 124 19.12 -38.94 -15.61
CA ARG C 124 18.16 -39.05 -16.71
C ARG C 124 16.80 -38.46 -16.37
N VAL C 125 16.73 -37.71 -15.29
CA VAL C 125 15.50 -37.02 -14.93
C VAL C 125 15.81 -35.76 -14.15
N TRP C 126 15.20 -34.65 -14.58
CA TRP C 126 15.30 -33.39 -13.87
C TRP C 126 13.96 -32.66 -13.86
N VAL C 127 13.76 -31.85 -12.83
CA VAL C 127 12.55 -31.06 -12.70
C VAL C 127 12.89 -29.57 -12.77
N VAL C 128 12.07 -28.83 -13.51
CA VAL C 128 12.25 -27.40 -13.66
C VAL C 128 10.98 -26.70 -13.19
N ARG C 129 11.10 -25.89 -12.14
CA ARG C 129 9.95 -25.15 -11.62
C ARG C 129 9.84 -23.77 -12.27
N GLY C 130 8.61 -23.36 -12.54
CA GLY C 130 8.37 -22.09 -13.21
C GLY C 130 8.37 -22.31 -14.70
N ILE C 131 7.19 -22.22 -15.30
CA ILE C 131 7.03 -22.50 -16.72
C ILE C 131 7.91 -21.54 -17.54
N LYS C 132 8.19 -20.37 -16.98
CA LYS C 132 9.02 -19.36 -17.64
C LYS C 132 10.51 -19.70 -17.61
N ASN C 133 10.88 -20.75 -16.89
CA ASN C 133 12.28 -21.17 -16.82
C ASN C 133 12.60 -22.33 -17.76
N SER C 134 11.63 -22.72 -18.57
CA SER C 134 11.76 -23.92 -19.39
C SER C 134 12.92 -23.83 -20.39
N THR C 135 13.23 -22.62 -20.85
CA THR C 135 14.26 -22.45 -21.87
C THR C 135 15.67 -22.58 -21.31
N LEU C 136 15.76 -22.79 -20.00
CA LEU C 136 17.06 -23.04 -19.38
C LEU C 136 17.46 -24.48 -19.59
N LYS C 137 16.50 -25.32 -19.96
CA LYS C 137 16.78 -26.71 -20.30
C LYS C 137 16.54 -27.00 -21.77
N THR C 138 15.41 -26.54 -22.30
CA THR C 138 15.04 -26.87 -23.68
C THR C 138 16.06 -26.25 -24.64
N LYS C 139 16.79 -25.25 -24.17
CA LYS C 139 17.89 -24.70 -24.95
C LYS C 139 18.96 -25.77 -25.15
N GLU C 140 19.26 -26.50 -24.08
CA GLU C 140 20.29 -27.53 -24.13
C GLU C 140 19.89 -28.69 -25.04
N MET C 141 18.61 -29.04 -25.00
CA MET C 141 18.09 -30.14 -25.82
C MET C 141 18.26 -29.80 -27.30
N LEU C 142 17.91 -28.57 -27.66
CA LEU C 142 18.04 -28.11 -29.03
C LEU C 142 19.51 -28.03 -29.44
N GLU C 143 20.39 -27.74 -28.50
CA GLU C 143 21.83 -27.66 -28.79
C GLU C 143 22.37 -29.03 -29.19
N GLU C 144 21.85 -30.09 -28.57
CA GLU C 144 22.39 -31.43 -28.76
C GLU C 144 21.52 -32.32 -29.67
N ALA C 145 20.35 -31.84 -30.06
CA ALA C 145 19.47 -32.62 -30.93
C ALA C 145 20.14 -32.85 -32.27
N GLN C 146 20.23 -34.13 -32.67
CA GLN C 146 20.88 -34.48 -33.94
C GLN C 146 20.10 -35.52 -34.76
N ASN C 147 18.91 -35.89 -34.31
CA ASN C 147 18.08 -36.83 -35.08
C ASN C 147 16.73 -36.23 -35.47
N GLU C 148 15.91 -35.89 -34.49
CA GLU C 148 14.59 -35.31 -34.78
C GLU C 148 14.11 -34.43 -33.63
N ILE C 149 13.27 -33.44 -33.95
CA ILE C 149 12.69 -32.54 -32.97
C ILE C 149 11.16 -32.46 -33.12
N LEU C 150 10.44 -32.81 -32.06
CA LEU C 150 8.99 -32.67 -32.04
C LEU C 150 8.55 -31.67 -30.97
N LEU C 151 7.94 -30.57 -31.41
CA LEU C 151 7.58 -29.47 -30.51
C LEU C 151 6.08 -29.16 -30.51
N ALA C 152 5.44 -29.35 -29.35
CA ALA C 152 4.06 -28.92 -29.12
C ALA C 152 4.10 -27.80 -28.07
N ASP C 153 3.97 -26.56 -28.52
CA ASP C 153 4.32 -25.41 -27.69
C ASP C 153 3.16 -24.45 -27.39
N ASP C 154 2.98 -24.10 -26.11
CA ASP C 154 1.99 -23.10 -25.71
C ASP C 154 2.57 -21.69 -25.80
N GLY C 155 3.85 -21.60 -26.09
CA GLY C 155 4.55 -20.33 -26.09
C GLY C 155 5.68 -20.32 -25.08
N PHE C 156 5.66 -21.29 -24.16
CA PHE C 156 6.62 -21.35 -23.06
C PHE C 156 7.67 -22.46 -23.13
N ILE C 157 7.64 -23.29 -24.18
CA ILE C 157 8.52 -24.47 -24.17
C ILE C 157 9.84 -24.28 -24.91
N ALA C 158 9.78 -24.02 -26.22
CA ALA C 158 11.02 -23.92 -26.99
C ALA C 158 10.96 -22.87 -28.10
N VAL C 159 9.76 -22.46 -28.49
CA VAL C 159 9.66 -21.38 -29.46
C VAL C 159 10.18 -20.16 -28.71
N ASN C 160 10.86 -19.27 -29.43
CA ASN C 160 11.56 -18.09 -28.90
C ASN C 160 13.05 -18.41 -28.85
N LEU C 161 13.38 -19.68 -29.09
CA LEU C 161 14.76 -20.11 -29.24
C LEU C 161 14.97 -20.46 -30.70
N GLU C 162 14.43 -19.62 -31.57
CA GLU C 162 14.40 -19.91 -33.00
C GLU C 162 15.77 -20.15 -33.58
N ASP C 163 16.74 -19.39 -33.11
CA ASP C 163 18.09 -19.48 -33.64
C ASP C 163 18.61 -20.90 -33.39
N ASP C 164 18.23 -21.49 -32.27
CA ASP C 164 18.66 -22.84 -31.95
C ASP C 164 17.83 -23.89 -32.69
N ILE C 165 16.54 -23.62 -32.86
CA ILE C 165 15.67 -24.52 -33.61
C ILE C 165 16.16 -24.56 -35.05
N ILE C 166 16.38 -23.39 -35.63
CA ILE C 166 16.81 -23.29 -37.02
C ILE C 166 18.18 -23.90 -37.24
N LYS C 167 19.13 -23.70 -36.32
CA LYS C 167 20.43 -24.32 -36.48
C LYS C 167 20.28 -25.83 -36.55
N ALA C 168 19.32 -26.36 -35.78
CA ALA C 168 19.04 -27.79 -35.82
C ALA C 168 18.47 -28.18 -37.19
N VAL C 169 17.50 -27.41 -37.67
CA VAL C 169 16.91 -27.65 -38.97
C VAL C 169 17.98 -27.67 -40.05
N ASP C 170 18.86 -26.66 -40.00
CA ASP C 170 19.89 -26.49 -41.03
C ASP C 170 20.99 -27.55 -40.98
N ARG C 171 21.04 -28.34 -39.92
CA ARG C 171 22.01 -29.43 -39.86
C ARG C 171 21.30 -30.77 -40.06
N GLY C 172 20.11 -30.71 -40.67
CA GLY C 172 19.42 -31.90 -41.14
C GLY C 172 18.52 -32.59 -40.14
N VAL C 173 18.27 -31.93 -39.01
CA VAL C 173 17.41 -32.53 -37.99
C VAL C 173 15.94 -32.37 -38.38
N LYS C 174 15.22 -33.48 -38.41
CA LYS C 174 13.79 -33.48 -38.73
C LYS C 174 12.96 -32.79 -37.66
N THR C 175 12.26 -31.74 -38.07
CA THR C 175 11.51 -30.89 -37.14
C THR C 175 10.02 -30.75 -37.47
N LYS C 176 9.17 -31.06 -36.49
CA LYS C 176 7.73 -30.84 -36.58
C LYS C 176 7.33 -29.87 -35.46
N ILE C 177 6.75 -28.73 -35.82
CA ILE C 177 6.32 -27.76 -34.81
C ILE C 177 4.80 -27.65 -34.81
N LEU C 178 4.22 -27.78 -33.62
CA LEU C 178 2.79 -27.64 -33.42
C LEU C 178 2.52 -26.42 -32.52
N LEU C 179 1.74 -25.47 -33.04
CA LEU C 179 1.46 -24.23 -32.31
C LEU C 179 -0.01 -24.15 -31.91
N THR C 180 -0.28 -23.42 -30.84
CA THR C 180 -1.65 -23.03 -30.52
C THR C 180 -1.99 -21.84 -31.42
N LYS C 181 -3.27 -21.65 -31.70
CA LYS C 181 -3.66 -20.60 -32.65
C LYS C 181 -3.35 -19.22 -32.08
N ASN C 182 -3.14 -19.13 -30.77
CA ASN C 182 -2.80 -17.85 -30.15
C ASN C 182 -1.33 -17.49 -30.36
N LEU C 183 -0.56 -18.41 -30.94
CA LEU C 183 0.84 -18.14 -31.26
C LEU C 183 0.98 -17.70 -32.71
N LEU C 184 -0.06 -17.93 -33.50
CA LEU C 184 -0.02 -17.59 -34.92
C LEU C 184 0.09 -16.07 -35.08
N PRO C 185 -0.64 -15.29 -34.24
CA PRO C 185 -0.45 -13.83 -34.23
C PRO C 185 0.94 -13.33 -33.79
N ARG C 186 1.47 -13.81 -32.67
CA ARG C 186 2.70 -13.24 -32.12
C ARG C 186 3.93 -13.75 -32.84
N LEU C 187 3.78 -14.85 -33.58
CA LEU C 187 4.93 -15.43 -34.26
C LEU C 187 5.00 -15.01 -35.71
N LYS C 188 4.32 -13.91 -36.06
CA LYS C 188 4.47 -13.36 -37.39
C LYS C 188 5.72 -12.50 -37.26
N ALA C 189 6.54 -12.33 -38.30
CA ALA C 189 6.22 -12.69 -39.68
C ALA C 189 6.30 -14.16 -40.12
N SER C 190 7.43 -14.86 -39.98
CA SER C 190 8.55 -14.59 -39.08
C SER C 190 9.83 -15.18 -39.65
N LYS C 191 10.81 -15.47 -38.77
CA LYS C 191 12.04 -16.15 -39.17
C LYS C 191 11.77 -17.66 -39.12
N ILE C 192 11.18 -18.15 -38.02
CA ILE C 192 10.79 -19.56 -37.92
C ILE C 192 9.74 -19.97 -38.94
N ILE C 193 8.83 -19.05 -39.25
CA ILE C 193 7.77 -19.36 -40.20
C ILE C 193 8.23 -19.52 -41.63
N ASP C 194 9.29 -18.83 -42.04
CA ASP C 194 9.60 -18.88 -43.46
C ASP C 194 10.38 -20.16 -43.75
N TYR C 195 10.87 -20.82 -42.70
CA TYR C 195 11.48 -22.13 -42.86
C TYR C 195 10.41 -23.18 -43.18
N ALA C 196 9.22 -22.99 -42.61
CA ALA C 196 8.09 -23.87 -42.90
C ALA C 196 7.61 -23.67 -44.33
N LYS C 197 7.59 -22.40 -44.76
CA LYS C 197 7.15 -22.05 -46.11
C LYS C 197 8.15 -22.54 -47.15
N GLU C 198 9.41 -22.67 -46.76
CA GLU C 198 10.46 -23.16 -47.65
C GLU C 198 10.55 -24.68 -47.65
N GLY C 199 9.82 -25.32 -46.74
CA GLY C 199 9.76 -26.77 -46.69
C GLY C 199 10.91 -27.38 -45.92
N LYS C 200 11.52 -26.59 -45.04
CA LYS C 200 12.64 -27.07 -44.24
C LYS C 200 12.19 -27.65 -42.91
N LEU C 201 10.94 -27.35 -42.55
CA LEU C 201 10.32 -27.95 -41.39
C LEU C 201 8.82 -27.96 -41.63
N GLU C 202 8.08 -28.75 -40.86
CA GLU C 202 6.64 -28.80 -40.99
C GLU C 202 5.99 -28.02 -39.85
N LEU C 203 4.97 -27.23 -40.16
CA LEU C 203 4.33 -26.36 -39.18
C LEU C 203 2.81 -26.44 -39.24
N ARG C 204 2.19 -26.85 -38.15
CA ARG C 204 0.73 -26.92 -38.08
C ARG C 204 0.22 -26.32 -36.77
N ALA C 205 -1.07 -26.01 -36.71
CA ALA C 205 -1.66 -25.37 -35.54
C ALA C 205 -2.94 -26.07 -35.07
N LEU C 206 -3.20 -25.99 -33.77
CA LEU C 206 -4.36 -26.65 -33.17
C LEU C 206 -4.94 -25.78 -32.06
N ASP C 207 -6.27 -25.73 -31.98
CA ASP C 207 -6.97 -24.93 -30.98
C ASP C 207 -6.31 -25.02 -29.60
N LYS C 208 -6.20 -26.23 -29.09
CA LYS C 208 -5.54 -26.47 -27.81
C LYS C 208 -5.30 -27.95 -27.60
N PHE C 209 -4.08 -28.28 -27.19
CA PHE C 209 -3.72 -29.63 -26.78
C PHE C 209 -3.33 -29.54 -25.31
N ASP C 210 -3.65 -30.59 -24.55
CA ASP C 210 -3.53 -30.52 -23.10
C ASP C 210 -2.17 -30.98 -22.57
N LEU C 211 -1.21 -31.22 -23.46
CA LEU C 211 0.07 -31.74 -23.01
C LEU C 211 1.22 -31.27 -23.91
N PRO C 212 1.72 -30.03 -23.65
CA PRO C 212 2.84 -29.44 -24.40
C PRO C 212 4.16 -30.17 -24.13
N MET C 213 5.05 -30.23 -25.12
CA MET C 213 6.29 -30.97 -24.97
C MET C 213 7.36 -30.60 -26.00
N LEU C 214 8.59 -30.99 -25.70
CA LEU C 214 9.70 -30.91 -26.65
C LEU C 214 10.44 -32.24 -26.62
N ILE C 215 10.47 -32.94 -27.76
CA ILE C 215 11.20 -34.19 -27.85
C ILE C 215 12.46 -33.99 -28.68
N CYS C 216 13.62 -34.33 -28.10
CA CYS C 216 14.88 -34.21 -28.82
C CYS C 216 15.77 -35.44 -28.65
N ASP C 217 15.62 -36.40 -29.55
CA ASP C 217 16.47 -37.59 -29.54
C ASP C 217 16.36 -38.34 -28.21
N GLU C 218 15.51 -39.35 -28.16
CA GLU C 218 15.32 -40.14 -26.94
C GLU C 218 15.29 -39.31 -25.65
N GLU C 219 14.83 -38.07 -25.75
CA GLU C 219 14.64 -37.21 -24.59
C GLU C 219 13.30 -36.50 -24.73
N VAL C 220 12.62 -36.28 -23.60
CA VAL C 220 11.36 -35.55 -23.62
C VAL C 220 11.32 -34.52 -22.51
N PHE C 221 10.87 -33.32 -22.87
CA PHE C 221 10.59 -32.27 -21.92
C PHE C 221 9.11 -31.91 -22.04
N PHE C 222 8.38 -32.02 -20.93
CA PHE C 222 6.94 -31.76 -20.95
C PHE C 222 6.49 -30.99 -19.72
N ALA C 223 5.40 -30.23 -19.84
CA ALA C 223 4.95 -29.35 -18.78
C ALA C 223 3.62 -29.80 -18.18
N LEU C 224 3.57 -29.81 -16.85
CA LEU C 224 2.32 -30.11 -16.15
C LEU C 224 1.59 -28.81 -15.85
N GLU C 225 1.14 -28.18 -16.94
CA GLU C 225 0.54 -26.84 -16.89
C GLU C 225 -0.62 -26.75 -15.90
N ASP C 226 -0.62 -25.67 -15.12
CA ASP C 226 -1.61 -25.43 -14.07
C ASP C 226 -1.62 -23.92 -13.78
N LEU C 227 -2.74 -23.26 -14.04
CA LEU C 227 -2.86 -21.82 -13.84
C LEU C 227 -3.02 -21.36 -12.41
N ALA C 228 -3.04 -22.29 -11.45
CA ALA C 228 -3.10 -21.93 -10.05
C ALA C 228 -1.67 -21.84 -9.51
N ALA C 229 -0.81 -22.71 -10.03
CA ALA C 229 0.61 -22.68 -9.73
C ALA C 229 1.30 -21.55 -10.51
N ARG C 230 0.72 -21.17 -11.64
CA ARG C 230 1.25 -20.08 -12.45
C ARG C 230 1.42 -18.80 -11.64
N TYR C 231 0.47 -18.54 -10.74
CA TYR C 231 0.50 -17.36 -9.90
C TYR C 231 1.73 -17.31 -8.98
N PHE C 232 2.27 -18.47 -8.64
CA PHE C 232 3.45 -18.55 -7.77
C PHE C 232 4.70 -19.00 -8.51
N ASN C 233 4.66 -18.91 -9.84
CA ASN C 233 5.78 -19.32 -10.69
C ASN C 233 6.32 -20.66 -10.23
N TYR C 234 5.44 -21.64 -10.10
CA TYR C 234 5.81 -22.94 -9.56
C TYR C 234 5.08 -24.10 -10.23
N GLU C 235 5.12 -24.12 -11.56
CA GLU C 235 4.58 -25.24 -12.32
C GLU C 235 5.67 -26.29 -12.53
N THR C 236 5.31 -27.56 -12.44
CA THR C 236 6.29 -28.63 -12.54
C THR C 236 6.48 -29.03 -13.99
N GLN C 237 7.74 -29.00 -14.44
CA GLN C 237 8.10 -29.40 -15.79
C GLN C 237 9.14 -30.49 -15.65
N VAL C 238 9.13 -31.45 -16.57
CA VAL C 238 9.95 -32.64 -16.39
C VAL C 238 10.76 -32.96 -17.64
N TRP C 239 12.03 -33.29 -17.43
CA TRP C 239 12.91 -33.77 -18.48
C TRP C 239 13.25 -35.23 -18.21
N ILE C 240 12.96 -36.11 -19.16
CA ILE C 240 13.28 -37.52 -19.00
C ILE C 240 14.05 -38.02 -20.20
N LYS C 241 15.12 -38.76 -19.92
CA LYS C 241 15.94 -39.39 -20.94
C LYS C 241 15.68 -40.89 -20.92
N ASP C 242 14.70 -41.33 -21.69
CA ASP C 242 14.33 -42.74 -21.72
C ASP C 242 13.38 -42.98 -22.90
N HIS C 243 13.94 -43.56 -23.95
CA HIS C 243 13.24 -43.81 -25.21
C HIS C 243 11.87 -44.51 -25.06
N ARG C 244 11.66 -45.22 -23.96
CA ARG C 244 10.39 -45.91 -23.76
C ARG C 244 9.32 -44.89 -23.38
N VAL C 245 9.71 -43.93 -22.55
CA VAL C 245 8.82 -42.87 -22.11
C VAL C 245 8.63 -41.91 -23.26
N VAL C 246 9.73 -41.59 -23.94
CA VAL C 246 9.71 -40.71 -25.09
C VAL C 246 8.78 -41.26 -26.16
N ALA C 247 8.79 -42.57 -26.34
CA ALA C 247 7.90 -43.22 -27.30
C ALA C 247 6.45 -42.92 -26.97
N LEU C 248 6.11 -42.95 -25.68
CA LEU C 248 4.75 -42.65 -25.24
C LEU C 248 4.35 -41.24 -25.67
N PHE C 249 5.21 -40.27 -25.39
CA PHE C 249 4.93 -38.88 -25.70
C PHE C 249 4.97 -38.63 -27.20
N LYS C 250 5.77 -39.41 -27.92
CA LYS C 250 5.84 -39.27 -29.37
C LYS C 250 4.53 -39.72 -30.03
N GLU C 251 3.93 -40.80 -29.51
CA GLU C 251 2.65 -41.26 -30.05
C GLU C 251 1.58 -40.19 -29.84
N LYS C 252 1.59 -39.57 -28.66
CA LYS C 252 0.58 -38.57 -28.33
C LYS C 252 0.78 -37.32 -29.18
N PHE C 253 2.03 -36.96 -29.44
CA PHE C 253 2.32 -35.83 -30.32
C PHE C 253 1.68 -36.06 -31.68
N ASN C 254 1.84 -37.27 -32.20
CA ASN C 254 1.32 -37.64 -33.50
C ASN C 254 -0.21 -37.68 -33.52
N GLU C 255 -0.82 -37.83 -32.34
CA GLU C 255 -2.28 -37.76 -32.25
C GLU C 255 -2.74 -36.32 -32.38
N TYR C 256 -2.06 -35.41 -31.67
CA TYR C 256 -2.35 -33.99 -31.79
C TYR C 256 -2.07 -33.53 -33.22
N TRP C 257 -1.04 -34.12 -33.82
CA TRP C 257 -0.60 -33.76 -35.15
C TRP C 257 -1.66 -34.05 -36.22
N GLU C 258 -2.49 -35.06 -35.96
CA GLU C 258 -3.55 -35.41 -36.89
C GLU C 258 -4.64 -34.35 -36.85
N LYS C 259 -4.96 -33.90 -35.65
CA LYS C 259 -5.99 -32.88 -35.44
C LYS C 259 -5.48 -31.54 -35.95
N ALA C 260 -4.20 -31.29 -35.75
CA ALA C 260 -3.51 -30.08 -36.20
C ALA C 260 -3.85 -29.72 -37.65
N GLU C 261 -4.10 -28.43 -37.89
CA GLU C 261 -4.53 -27.96 -39.21
C GLU C 261 -3.37 -27.43 -40.04
N LYS C 262 -3.66 -27.12 -41.30
CA LYS C 262 -2.70 -26.56 -42.27
C LYS C 262 -1.39 -26.09 -41.66
N SER D 1 -4.13 -10.33 -10.30
CA SER D 1 -2.84 -9.99 -9.75
C SER D 1 -2.72 -10.48 -8.31
N LYS D 2 -1.79 -11.39 -8.08
CA LYS D 2 -1.54 -11.94 -6.75
C LYS D 2 -1.26 -10.84 -5.73
N ASP D 3 -0.47 -9.86 -6.13
CA ASP D 3 -0.11 -8.75 -5.27
C ASP D 3 -1.35 -8.03 -4.74
N ARG D 4 -2.35 -7.89 -5.60
CA ARG D 4 -3.59 -7.23 -5.21
C ARG D 4 -4.31 -8.02 -4.14
N MET D 5 -4.31 -9.33 -4.27
CA MET D 5 -4.98 -10.20 -3.30
C MET D 5 -4.31 -10.11 -1.94
N VAL D 6 -2.98 -10.05 -1.94
CA VAL D 6 -2.23 -9.93 -0.70
C VAL D 6 -2.51 -8.57 -0.05
N GLU D 7 -2.55 -7.52 -0.85
CA GLU D 7 -2.85 -6.18 -0.33
C GLU D 7 -4.21 -6.14 0.36
N LEU D 8 -5.25 -6.60 -0.34
CA LEU D 8 -6.61 -6.53 0.17
C LEU D 8 -6.77 -7.30 1.46
N LEU D 9 -6.14 -8.47 1.53
CA LEU D 9 -6.19 -9.30 2.72
C LEU D 9 -5.47 -8.57 3.85
N GLN D 10 -4.37 -7.93 3.50
CA GLN D 10 -3.49 -7.28 4.45
C GLN D 10 -4.09 -5.98 4.97
N GLU D 11 -4.77 -5.24 4.10
CA GLU D 11 -5.36 -3.95 4.46
C GLU D 11 -6.71 -4.04 5.18
N HIS D 12 -7.48 -5.09 4.90
CA HIS D 12 -8.86 -5.13 5.38
C HIS D 12 -9.23 -6.37 6.21
N PHE D 13 -8.47 -7.44 6.07
CA PHE D 13 -8.78 -8.66 6.80
C PHE D 13 -7.68 -9.03 7.78
N GLU D 14 -6.91 -8.01 8.15
CA GLU D 14 -5.96 -8.08 9.26
C GLU D 14 -4.96 -9.23 9.19
N LEU D 15 -4.56 -9.61 7.98
CA LEU D 15 -3.48 -10.59 7.83
C LEU D 15 -2.18 -9.81 7.65
N ASN D 16 -1.08 -10.34 8.18
CA ASN D 16 0.21 -9.71 7.94
C ASN D 16 0.70 -10.17 6.57
N LEU D 17 1.88 -9.71 6.17
CA LEU D 17 2.37 -9.99 4.83
C LEU D 17 2.45 -11.49 4.57
N TYR D 18 3.07 -12.23 5.49
CA TYR D 18 3.28 -13.67 5.30
C TYR D 18 1.97 -14.46 5.40
N GLU D 19 1.09 -14.04 6.30
CA GLU D 19 -0.21 -14.69 6.45
C GLU D 19 -1.07 -14.52 5.20
N ALA D 20 -1.07 -13.32 4.65
CA ALA D 20 -1.87 -13.02 3.46
C ALA D 20 -1.36 -13.82 2.27
N ARG D 21 -0.04 -13.88 2.13
CA ARG D 21 0.59 -14.64 1.07
C ARG D 21 0.26 -16.13 1.19
N ALA D 22 0.36 -16.64 2.41
CA ALA D 22 0.12 -18.04 2.67
C ALA D 22 -1.32 -18.41 2.35
N TYR D 23 -2.26 -17.53 2.67
CA TYR D 23 -3.66 -17.82 2.41
C TYR D 23 -3.92 -17.96 0.93
N VAL D 24 -3.34 -17.06 0.13
CA VAL D 24 -3.49 -17.12 -1.32
C VAL D 24 -2.90 -18.44 -1.80
N ALA D 25 -1.75 -18.81 -1.24
CA ALA D 25 -1.09 -20.05 -1.62
C ALA D 25 -1.96 -21.26 -1.30
N LEU D 26 -2.62 -21.25 -0.14
CA LEU D 26 -3.54 -22.33 0.22
C LEU D 26 -4.68 -22.40 -0.78
N VAL D 27 -5.23 -21.25 -1.14
CA VAL D 27 -6.33 -21.18 -2.09
C VAL D 27 -5.90 -21.77 -3.42
N ALA D 28 -4.71 -21.39 -3.86
CA ALA D 28 -4.19 -21.82 -5.15
C ALA D 28 -3.89 -23.32 -5.20
N PHE D 29 -3.19 -23.82 -4.17
CA PHE D 29 -2.68 -25.19 -4.21
C PHE D 29 -3.58 -26.21 -3.51
N GLY D 30 -4.59 -25.73 -2.79
CA GLY D 30 -5.58 -26.59 -2.17
C GLY D 30 -5.21 -27.14 -0.82
N VAL D 31 -3.96 -27.57 -0.66
CA VAL D 31 -3.50 -28.12 0.61
C VAL D 31 -1.99 -27.99 0.68
N LEU D 32 -1.49 -27.54 1.83
CA LEU D 32 -0.06 -27.34 2.01
C LEU D 32 0.44 -27.80 3.37
N THR D 33 1.67 -28.27 3.40
CA THR D 33 2.42 -28.42 4.64
C THR D 33 3.35 -27.23 4.75
N PRO D 34 3.85 -26.95 5.96
CA PRO D 34 4.81 -25.86 6.12
C PRO D 34 5.96 -25.90 5.11
N ALA D 35 6.42 -27.11 4.78
CA ALA D 35 7.51 -27.26 3.81
C ALA D 35 7.03 -26.85 2.43
N GLU D 36 5.81 -27.27 2.09
CA GLU D 36 5.23 -26.99 0.79
C GLU D 36 4.97 -25.50 0.61
N LEU D 37 4.51 -24.86 1.68
CA LEU D 37 4.26 -23.43 1.66
C LEU D 37 5.54 -22.63 1.41
N ALA D 38 6.62 -23.02 2.09
CA ALA D 38 7.91 -22.35 1.93
C ALA D 38 8.37 -22.38 0.48
N SER D 39 8.16 -23.52 -0.17
CA SER D 39 8.64 -23.74 -1.52
C SER D 39 7.88 -22.92 -2.57
N VAL D 40 6.56 -22.81 -2.41
CA VAL D 40 5.72 -22.18 -3.42
C VAL D 40 5.58 -20.68 -3.20
N SER D 41 5.63 -20.24 -1.95
CA SER D 41 5.37 -18.84 -1.62
C SER D 41 6.64 -18.10 -1.20
N GLU D 42 6.47 -16.83 -0.84
CA GLU D 42 7.59 -16.02 -0.38
C GLU D 42 7.67 -15.96 1.14
N VAL D 43 7.08 -16.95 1.80
CA VAL D 43 7.21 -17.06 3.25
C VAL D 43 8.49 -17.82 3.59
N PRO D 44 9.35 -17.22 4.42
CA PRO D 44 10.59 -17.91 4.84
C PRO D 44 10.33 -19.28 5.48
N ALA D 45 11.26 -20.21 5.26
CA ALA D 45 11.10 -21.59 5.70
C ALA D 45 10.69 -21.75 7.17
N PRO D 46 11.47 -21.15 8.10
CA PRO D 46 11.13 -21.35 9.52
C PRO D 46 9.86 -20.64 9.97
N ARG D 47 9.26 -19.84 9.09
CA ARG D 47 8.07 -19.09 9.45
C ARG D 47 6.78 -19.77 9.04
N THR D 48 6.88 -20.76 8.15
CA THR D 48 5.68 -21.35 7.56
C THR D 48 4.83 -22.08 8.59
N TYR D 49 5.41 -22.52 9.69
CA TYR D 49 4.60 -23.20 10.66
C TYR D 49 3.74 -22.24 11.44
N ASP D 50 4.35 -21.25 12.06
CA ASP D 50 3.54 -20.32 12.84
C ASP D 50 2.56 -19.55 11.95
N VAL D 51 2.94 -19.29 10.70
CA VAL D 51 2.06 -18.58 9.77
C VAL D 51 0.80 -19.39 9.51
N LEU D 52 0.96 -20.67 9.24
CA LEU D 52 -0.18 -21.54 8.97
C LEU D 52 -1.05 -21.78 10.20
N ARG D 53 -0.39 -21.89 11.33
CA ARG D 53 -1.10 -22.11 12.57
C ARG D 53 -1.94 -20.92 12.93
N SER D 54 -1.42 -19.73 12.69
CA SER D 54 -2.13 -18.49 13.00
C SER D 54 -3.31 -18.28 12.04
N LEU D 55 -3.17 -18.74 10.80
CA LEU D 55 -4.29 -18.68 9.86
C LEU D 55 -5.43 -19.56 10.35
N GLU D 56 -5.06 -20.71 10.93
CA GLU D 56 -6.05 -21.61 11.53
C GLU D 56 -6.78 -20.88 12.64
N LYS D 57 -6.01 -20.27 13.54
CA LYS D 57 -6.56 -19.52 14.65
C LYS D 57 -7.49 -18.40 14.16
N LYS D 58 -7.08 -17.72 13.10
CA LYS D 58 -7.86 -16.61 12.57
C LYS D 58 -9.08 -17.05 11.76
N GLY D 59 -9.13 -18.32 11.39
CA GLY D 59 -10.26 -18.86 10.66
C GLY D 59 -10.05 -18.94 9.16
N PHE D 60 -8.81 -18.69 8.72
CA PHE D 60 -8.48 -18.71 7.30
C PHE D 60 -7.98 -20.07 6.86
N ALA D 61 -7.50 -20.87 7.82
CA ALA D 61 -6.99 -22.21 7.50
C ALA D 61 -7.65 -23.27 8.37
N MET D 62 -7.63 -24.50 7.88
CA MET D 62 -8.23 -25.63 8.58
C MET D 62 -7.22 -26.76 8.58
N THR D 63 -7.16 -27.52 9.67
CA THR D 63 -6.28 -28.68 9.69
C THR D 63 -7.03 -29.78 8.96
N GLN D 64 -6.36 -30.84 8.56
CA GLN D 64 -7.08 -31.89 7.84
C GLN D 64 -7.47 -33.01 8.79
N PRO D 65 -8.60 -33.70 8.49
CA PRO D 65 -8.92 -34.93 9.21
C PRO D 65 -7.71 -35.87 9.12
N GLY D 66 -7.44 -36.70 10.13
CA GLY D 66 -6.27 -37.55 10.07
C GLY D 66 -5.11 -36.85 10.73
N LYS D 67 -3.88 -37.21 10.36
CA LYS D 67 -2.71 -36.52 10.92
C LYS D 67 -2.67 -35.08 10.41
N THR D 68 -2.65 -34.16 11.36
CA THR D 68 -2.72 -32.74 11.07
C THR D 68 -1.42 -32.01 10.66
N ASN D 69 -0.69 -32.55 9.68
CA ASN D 69 0.49 -31.87 9.16
C ASN D 69 0.10 -30.97 8.00
N LYS D 70 -1.06 -31.23 7.42
CA LYS D 70 -1.51 -30.51 6.25
C LYS D 70 -2.64 -29.54 6.56
N TYR D 71 -2.58 -28.39 5.90
CA TYR D 71 -3.55 -27.33 6.08
C TYR D 71 -4.30 -27.08 4.78
N ARG D 72 -5.59 -26.77 4.90
CA ARG D 72 -6.39 -26.39 3.74
C ARG D 72 -7.09 -25.08 4.01
N PRO D 73 -7.24 -24.26 2.94
CA PRO D 73 -7.86 -22.96 3.13
C PRO D 73 -9.33 -23.10 3.48
N VAL D 74 -9.85 -22.16 4.27
CA VAL D 74 -11.28 -22.07 4.45
C VAL D 74 -11.71 -21.15 3.33
N HIS D 75 -12.70 -21.59 2.55
CA HIS D 75 -13.05 -20.86 1.34
C HIS D 75 -13.35 -19.39 1.65
N PRO D 76 -12.81 -18.47 0.82
CA PRO D 76 -12.97 -17.02 1.02
C PRO D 76 -14.40 -16.57 1.35
N ALA D 77 -15.39 -17.15 0.70
CA ALA D 77 -16.78 -16.74 0.90
C ALA D 77 -17.27 -17.04 2.32
N ASN D 78 -16.62 -18.00 2.98
CA ASN D 78 -17.01 -18.38 4.34
C ASN D 78 -16.10 -17.78 5.40
N VAL D 79 -15.10 -17.01 4.98
CA VAL D 79 -14.16 -16.40 5.92
C VAL D 79 -14.27 -14.88 5.86
N LEU D 80 -14.17 -14.34 4.65
CA LEU D 80 -14.22 -12.91 4.45
C LEU D 80 -15.56 -12.39 4.95
N GLU D 81 -16.60 -13.21 4.75
CA GLU D 81 -17.93 -12.94 5.26
C GLU D 81 -17.95 -13.07 6.78
N LYS D 82 -17.41 -14.17 7.28
CA LYS D 82 -17.40 -14.43 8.71
C LYS D 82 -16.57 -13.37 9.44
N PHE D 83 -15.47 -12.96 8.82
CA PHE D 83 -14.62 -11.92 9.39
C PHE D 83 -15.40 -10.62 9.58
N ILE D 84 -16.09 -10.19 8.53
CA ILE D 84 -16.88 -8.97 8.57
C ILE D 84 -17.94 -9.06 9.66
N GLN D 85 -18.62 -10.20 9.75
CA GLN D 85 -19.63 -10.39 10.79
C GLN D 85 -19.01 -10.27 12.18
N ASP D 86 -17.86 -10.89 12.37
CA ASP D 86 -17.17 -10.83 13.66
C ASP D 86 -16.70 -9.42 13.91
N TRP D 87 -16.10 -8.81 12.90
CA TRP D 87 -15.56 -7.46 13.02
C TRP D 87 -16.63 -6.43 13.39
N GLN D 88 -17.77 -6.52 12.73
CA GLN D 88 -18.87 -5.60 13.00
C GLN D 88 -19.29 -5.70 14.44
N GLU D 89 -19.35 -6.91 14.95
CA GLU D 89 -19.77 -7.09 16.33
C GLU D 89 -18.67 -6.57 17.25
N ARG D 90 -17.42 -6.77 16.86
CA ARG D 90 -16.29 -6.30 17.66
C ARG D 90 -16.30 -4.78 17.74
N VAL D 91 -16.64 -4.16 16.62
CA VAL D 91 -16.76 -2.70 16.54
C VAL D 91 -17.78 -2.23 17.49
N LYS D 92 -18.94 -2.85 17.37
CA LYS D 92 -20.04 -2.44 18.19
C LYS D 92 -19.58 -2.54 19.66
N GLU D 93 -18.77 -3.57 19.97
CA GLU D 93 -18.37 -3.81 21.36
C GLU D 93 -17.58 -2.62 21.88
N GLU D 94 -16.73 -2.07 21.01
CA GLU D 94 -15.92 -0.92 21.34
C GLU D 94 -16.74 0.37 21.38
N LEU D 95 -17.72 0.49 20.50
CA LEU D 95 -18.58 1.68 20.48
C LEU D 95 -19.21 1.92 21.84
N GLU D 96 -19.78 0.88 22.42
CA GLU D 96 -20.41 1.00 23.73
C GLU D 96 -19.35 1.22 24.82
N ALA D 97 -18.17 0.64 24.61
CA ALA D 97 -17.06 0.84 25.53
C ALA D 97 -16.61 2.30 25.53
N LYS D 98 -16.64 2.93 24.36
CA LYS D 98 -16.27 4.34 24.25
C LYS D 98 -17.32 5.25 24.90
N LYS D 99 -18.59 4.95 24.65
CA LYS D 99 -19.67 5.72 25.24
C LYS D 99 -19.62 5.58 26.76
N LYS D 100 -19.40 4.37 27.24
CA LYS D 100 -19.26 4.13 28.67
C LYS D 100 -18.10 4.94 29.24
N ALA D 101 -16.97 4.92 28.53
CA ALA D 101 -15.79 5.67 28.95
C ALA D 101 -16.11 7.16 29.01
N LYS D 102 -16.80 7.64 27.99
CA LYS D 102 -17.23 9.04 27.93
C LYS D 102 -18.00 9.40 29.19
N GLU D 103 -18.95 8.54 29.53
CA GLU D 103 -19.85 8.77 30.65
C GLU D 103 -19.07 8.78 31.97
N GLU D 104 -18.08 7.92 32.10
CA GLU D 104 -17.25 7.88 33.30
C GLU D 104 -16.37 9.12 33.41
N LEU D 105 -15.77 9.54 32.31
CA LEU D 105 -14.92 10.73 32.29
C LEU D 105 -15.69 11.97 32.72
N LEU D 106 -16.90 12.13 32.20
CA LEU D 106 -17.71 13.32 32.50
C LEU D 106 -18.06 13.41 33.98
N GLU D 107 -18.32 12.26 34.60
CA GLU D 107 -18.61 12.23 36.03
C GLU D 107 -17.33 12.44 36.83
N LEU D 108 -16.22 11.91 36.32
CA LEU D 108 -14.92 12.12 36.96
C LEU D 108 -14.54 13.60 36.94
N MET D 109 -14.91 14.27 35.85
CA MET D 109 -14.56 15.67 35.64
C MET D 109 -15.59 16.64 36.24
N ALA D 110 -16.70 16.10 36.72
CA ALA D 110 -17.79 16.93 37.24
C ALA D 110 -17.30 17.99 38.22
N PRO D 111 -16.35 17.63 39.11
CA PRO D 111 -15.84 18.68 40.00
C PRO D 111 -15.15 19.85 39.26
N LEU D 112 -14.79 19.64 38.00
CA LEU D 112 -14.11 20.69 37.23
C LEU D 112 -15.07 21.41 36.29
N ILE D 113 -16.04 20.68 35.76
CA ILE D 113 -16.96 21.21 34.75
C ILE D 113 -18.40 21.46 35.26
N GLU D 114 -18.79 20.88 36.39
CA GLU D 114 -20.11 21.13 36.95
C GLU D 114 -20.08 22.34 37.89
N THR D 115 -20.94 23.30 37.62
CA THR D 115 -20.90 24.58 38.31
C THR D 115 -19.52 25.15 38.04
N GLU D 116 -19.17 25.19 36.76
CA GLU D 116 -17.84 25.61 36.35
C GLU D 116 -17.79 27.13 36.39
N VAL D 117 -16.59 27.69 36.47
CA VAL D 117 -16.45 29.14 36.58
C VAL D 117 -16.97 29.80 35.32
N PRO D 118 -16.35 29.53 34.16
CA PRO D 118 -15.13 28.79 33.84
C PRO D 118 -13.88 29.68 33.75
N LYS D 119 -12.70 29.11 34.03
CA LYS D 119 -11.46 29.88 34.05
C LYS D 119 -11.10 30.48 32.71
N TYR D 120 -11.69 29.93 31.65
CA TYR D 120 -11.59 30.51 30.33
C TYR D 120 -12.94 31.17 30.06
N GLY D 121 -13.01 32.02 29.05
CA GLY D 121 -14.24 32.76 28.79
C GLY D 121 -14.05 34.26 28.90
N VAL D 122 -13.12 34.67 29.77
CA VAL D 122 -12.72 36.07 29.86
C VAL D 122 -11.85 36.40 28.65
N GLU D 123 -11.26 35.36 28.06
CA GLU D 123 -10.46 35.49 26.85
C GLU D 123 -11.39 35.70 25.66
N ARG D 124 -11.06 36.70 24.85
CA ARG D 124 -11.94 37.17 23.79
C ARG D 124 -11.48 36.77 22.39
N VAL D 125 -10.52 35.85 22.31
CA VAL D 125 -10.10 35.31 21.02
C VAL D 125 -9.55 33.88 21.16
N TRP D 126 -10.03 32.98 20.31
CA TRP D 126 -9.49 31.62 20.24
C TRP D 126 -9.38 31.18 18.79
N VAL D 127 -8.43 30.27 18.54
CA VAL D 127 -8.22 29.74 17.19
C VAL D 127 -8.53 28.24 17.16
N VAL D 128 -9.19 27.80 16.09
CA VAL D 128 -9.53 26.39 15.89
C VAL D 128 -8.94 25.88 14.58
N ARG D 129 -8.08 24.87 14.65
CA ARG D 129 -7.50 24.29 13.44
C ARG D 129 -8.38 23.13 12.96
N GLY D 130 -8.57 23.04 11.65
CA GLY D 130 -9.40 22.00 11.07
C GLY D 130 -10.84 22.45 11.02
N ILE D 131 -11.34 22.74 9.83
CA ILE D 131 -12.68 23.27 9.66
C ILE D 131 -13.69 22.28 10.25
N LYS D 132 -13.30 21.02 10.30
CA LYS D 132 -14.15 19.96 10.82
C LYS D 132 -14.22 19.95 12.36
N ASN D 133 -13.43 20.79 13.00
CA ASN D 133 -13.50 20.93 14.46
C ASN D 133 -14.28 22.17 14.89
N SER D 134 -14.83 22.89 13.92
CA SER D 134 -15.47 24.17 14.22
C SER D 134 -16.68 24.03 15.15
N THR D 135 -17.36 22.89 15.11
CA THR D 135 -18.56 22.72 15.92
C THR D 135 -18.23 22.50 17.40
N LEU D 136 -16.94 22.47 17.72
CA LEU D 136 -16.52 22.36 19.11
C LEU D 136 -16.59 23.73 19.80
N LYS D 137 -16.70 24.78 19.00
CA LYS D 137 -16.86 26.13 19.54
C LYS D 137 -18.24 26.69 19.24
N THR D 138 -18.69 26.53 18.00
CA THR D 138 -19.93 27.14 17.55
C THR D 138 -21.13 26.56 18.29
N LYS D 139 -20.97 25.36 18.85
CA LYS D 139 -22.02 24.76 19.66
C LYS D 139 -22.22 25.62 20.91
N GLU D 140 -21.12 26.09 21.48
CA GLU D 140 -21.18 26.89 22.69
C GLU D 140 -21.88 28.23 22.39
N MET D 141 -21.60 28.78 21.21
CA MET D 141 -22.19 30.04 20.78
C MET D 141 -23.70 29.93 20.63
N LEU D 142 -24.15 28.83 20.01
CA LEU D 142 -25.58 28.57 19.83
C LEU D 142 -26.28 28.37 21.17
N GLU D 143 -25.58 27.77 22.12
CA GLU D 143 -26.14 27.48 23.44
C GLU D 143 -26.42 28.76 24.23
N GLU D 144 -25.58 29.77 24.03
CA GLU D 144 -25.67 31.03 24.78
C GLU D 144 -26.30 32.17 24.00
N ALA D 145 -26.54 31.96 22.70
CA ALA D 145 -27.15 32.99 21.85
C ALA D 145 -28.58 33.28 22.27
N GLN D 146 -28.90 34.54 22.52
CA GLN D 146 -30.24 34.94 22.92
C GLN D 146 -30.74 36.18 22.18
N ASN D 147 -29.96 36.64 21.20
CA ASN D 147 -30.37 37.78 20.37
C ASN D 147 -30.51 37.38 18.92
N GLU D 148 -29.42 36.93 18.30
CA GLU D 148 -29.46 36.58 16.89
C GLU D 148 -28.43 35.52 16.46
N ILE D 149 -28.76 34.80 15.40
CA ILE D 149 -27.86 33.83 14.80
C ILE D 149 -27.76 34.12 13.31
N LEU D 150 -26.55 34.43 12.85
CA LEU D 150 -26.30 34.60 11.43
C LEU D 150 -25.31 33.54 11.03
N LEU D 151 -25.77 32.61 10.19
CA LEU D 151 -24.94 31.48 9.82
C LEU D 151 -24.75 31.39 8.32
N ALA D 152 -23.50 31.56 7.88
CA ALA D 152 -23.12 31.32 6.51
C ALA D 152 -22.21 30.09 6.49
N ASP D 153 -22.79 28.96 6.14
CA ASP D 153 -22.16 27.67 6.38
C ASP D 153 -21.85 26.94 5.08
N ASP D 154 -20.60 26.51 4.94
CA ASP D 154 -20.18 25.71 3.80
C ASP D 154 -20.45 24.23 4.09
N GLY D 155 -20.96 23.96 5.29
CA GLY D 155 -21.23 22.60 5.71
C GLY D 155 -20.55 22.15 7.01
N PHE D 156 -19.52 22.87 7.44
CA PHE D 156 -18.76 22.45 8.61
C PHE D 156 -18.89 23.36 9.83
N ILE D 157 -19.69 24.42 9.74
CA ILE D 157 -19.65 25.46 10.77
C ILE D 157 -20.67 25.20 11.89
N ALA D 158 -21.96 25.19 11.57
CA ALA D 158 -22.95 24.99 12.62
C ALA D 158 -24.26 24.32 12.19
N VAL D 159 -24.49 24.19 10.88
CA VAL D 159 -25.76 23.66 10.40
C VAL D 159 -26.02 22.22 10.86
N ASN D 160 -24.98 21.51 11.27
CA ASN D 160 -25.13 20.13 11.73
C ASN D 160 -25.35 20.08 13.24
N LEU D 161 -25.66 21.24 13.82
CA LEU D 161 -26.03 21.36 15.23
C LEU D 161 -27.50 21.74 15.38
N GLU D 162 -28.37 21.04 14.66
CA GLU D 162 -29.79 21.39 14.58
C GLU D 162 -30.47 21.52 15.94
N ASP D 163 -30.10 20.66 16.88
CA ASP D 163 -30.76 20.67 18.19
C ASP D 163 -30.59 22.00 18.91
N ASP D 164 -29.40 22.60 18.78
CA ASP D 164 -29.13 23.86 19.46
C ASP D 164 -29.70 25.05 18.69
N ILE D 165 -29.67 24.98 17.36
CA ILE D 165 -30.25 26.04 16.52
C ILE D 165 -31.74 26.14 16.80
N ILE D 166 -32.40 25.00 16.81
CA ILE D 166 -33.85 24.93 17.01
C ILE D 166 -34.22 25.44 18.39
N LYS D 167 -33.44 25.05 19.39
CA LYS D 167 -33.64 25.49 20.76
C LYS D 167 -33.49 27.01 20.86
N ALA D 168 -32.56 27.57 20.10
CA ALA D 168 -32.34 29.01 20.07
C ALA D 168 -33.54 29.71 19.48
N VAL D 169 -34.00 29.21 18.34
CA VAL D 169 -35.19 29.75 17.68
C VAL D 169 -36.36 29.72 18.65
N ASP D 170 -36.50 28.63 19.39
CA ASP D 170 -37.64 28.44 20.28
C ASP D 170 -37.62 29.42 21.45
N ARG D 171 -36.50 30.08 21.68
CA ARG D 171 -36.43 31.09 22.73
C ARG D 171 -36.34 32.49 22.14
N GLY D 172 -36.76 32.64 20.88
CA GLY D 172 -36.90 33.94 20.28
C GLY D 172 -35.68 34.52 19.59
N VAL D 173 -34.69 33.68 19.31
CA VAL D 173 -33.48 34.14 18.64
C VAL D 173 -33.74 34.35 17.16
N LYS D 174 -33.43 35.56 16.69
CA LYS D 174 -33.55 35.91 15.28
C LYS D 174 -32.52 35.06 14.55
N THR D 175 -32.97 34.16 13.68
CA THR D 175 -32.05 33.21 13.05
C THR D 175 -32.11 33.30 11.54
N LYS D 176 -30.95 33.57 10.94
CA LYS D 176 -30.79 33.56 9.50
C LYS D 176 -29.73 32.54 9.12
N ILE D 177 -30.10 31.54 8.33
CA ILE D 177 -29.14 30.53 7.90
C ILE D 177 -28.93 30.61 6.40
N LEU D 178 -27.66 30.74 6.02
CA LEU D 178 -27.26 30.78 4.62
C LEU D 178 -26.41 29.56 4.32
N LEU D 179 -26.86 28.74 3.39
CA LEU D 179 -26.17 27.52 3.03
C LEU D 179 -25.67 27.58 1.60
N THR D 180 -24.64 26.80 1.31
CA THR D 180 -24.25 26.57 -0.07
C THR D 180 -25.26 25.57 -0.62
N LYS D 181 -25.49 25.60 -1.93
CA LYS D 181 -26.55 24.82 -2.54
C LYS D 181 -26.32 23.31 -2.49
N ASN D 182 -25.07 22.90 -2.27
CA ASN D 182 -24.74 21.48 -2.22
C ASN D 182 -25.13 20.81 -0.92
N LEU D 183 -25.64 21.58 0.03
CA LEU D 183 -26.10 21.03 1.31
C LEU D 183 -27.61 20.77 1.34
N LEU D 184 -28.33 21.34 0.37
CA LEU D 184 -29.79 21.23 0.34
C LEU D 184 -30.31 19.83 0.11
N PRO D 185 -29.62 19.02 -0.71
CA PRO D 185 -30.07 17.63 -0.81
C PRO D 185 -30.09 16.91 0.54
N ARG D 186 -29.02 17.06 1.33
CA ARG D 186 -28.89 16.31 2.57
C ARG D 186 -29.62 16.89 3.77
N LEU D 187 -30.01 18.16 3.71
CA LEU D 187 -30.66 18.81 4.86
C LEU D 187 -32.18 18.93 4.72
N LYS D 188 -32.77 18.17 3.81
CA LYS D 188 -34.21 18.11 3.66
C LYS D 188 -34.84 17.02 4.52
N ALA D 189 -34.25 16.73 5.68
CA ALA D 189 -34.82 15.71 6.54
C ALA D 189 -36.11 16.25 7.19
N SER D 190 -36.10 17.35 7.95
CA SER D 190 -35.05 17.82 8.84
C SER D 190 -35.78 18.66 9.88
N LYS D 191 -35.04 19.41 10.69
CA LYS D 191 -35.65 20.34 11.63
C LYS D 191 -35.70 21.77 11.11
N ILE D 192 -34.58 22.22 10.54
CA ILE D 192 -34.44 23.58 10.04
C ILE D 192 -35.52 23.78 8.98
N ILE D 193 -35.78 22.73 8.23
CA ILE D 193 -36.96 22.63 7.38
C ILE D 193 -37.66 21.49 8.12
N ASP D 194 -38.86 21.67 8.69
CA ASP D 194 -39.87 22.67 8.36
C ASP D 194 -39.83 24.06 9.02
N TYR D 195 -38.91 24.32 9.94
CA TYR D 195 -38.92 25.64 10.59
C TYR D 195 -38.82 26.77 9.57
N ALA D 196 -38.08 26.55 8.49
CA ALA D 196 -38.04 27.54 7.43
C ALA D 196 -39.41 27.58 6.75
N LYS D 197 -40.02 26.41 6.58
CA LYS D 197 -41.32 26.29 5.95
C LYS D 197 -42.44 26.85 6.83
N GLU D 198 -42.27 26.78 8.15
CA GLU D 198 -43.28 27.30 9.07
C GLU D 198 -43.07 28.77 9.42
N GLY D 199 -41.93 29.33 9.02
CA GLY D 199 -41.65 30.74 9.25
C GLY D 199 -41.03 31.07 10.60
N LYS D 200 -40.40 30.09 11.23
CA LYS D 200 -39.77 30.29 12.53
C LYS D 200 -38.31 30.72 12.38
N LEU D 201 -37.78 30.52 11.18
CA LEU D 201 -36.43 30.99 10.84
C LEU D 201 -36.36 31.24 9.34
N GLU D 202 -35.33 31.97 8.93
CA GLU D 202 -35.14 32.27 7.52
C GLU D 202 -34.02 31.42 6.96
N LEU D 203 -34.25 30.87 5.77
CA LEU D 203 -33.31 29.97 5.14
C LEU D 203 -33.12 30.36 3.68
N ARG D 204 -31.89 30.68 3.33
CA ARG D 204 -31.55 31.02 1.95
C ARG D 204 -30.34 30.20 1.51
N ALA D 205 -30.14 30.12 0.20
CA ALA D 205 -29.07 29.32 -0.37
C ALA D 205 -28.31 30.14 -1.40
N LEU D 206 -27.01 29.88 -1.51
CA LEU D 206 -26.16 30.65 -2.41
C LEU D 206 -25.08 29.77 -3.03
N ASP D 207 -24.83 29.97 -4.32
CA ASP D 207 -23.81 29.22 -5.05
C ASP D 207 -22.51 29.07 -4.25
N LYS D 208 -21.90 30.20 -3.87
CA LYS D 208 -20.68 30.16 -3.08
C LYS D 208 -20.30 31.54 -2.51
N PHE D 209 -19.96 31.55 -1.23
CA PHE D 209 -19.43 32.74 -0.56
C PHE D 209 -18.02 32.47 -0.02
N ASP D 210 -17.18 33.51 0.02
CA ASP D 210 -15.76 33.32 0.31
C ASP D 210 -15.38 33.35 1.79
N LEU D 211 -16.34 33.49 2.69
CA LEU D 211 -16.00 33.67 4.09
C LEU D 211 -17.09 33.11 5.02
N PRO D 212 -17.03 31.80 5.30
CA PRO D 212 -18.01 31.16 6.19
C PRO D 212 -17.97 31.72 7.60
N MET D 213 -19.11 31.80 8.27
CA MET D 213 -19.15 32.39 9.60
C MET D 213 -20.38 32.01 10.40
N LEU D 214 -20.28 32.22 11.72
CA LEU D 214 -21.42 32.15 12.60
C LEU D 214 -21.38 33.34 13.53
N ILE D 215 -22.40 34.18 13.45
CA ILE D 215 -22.51 35.33 14.33
C ILE D 215 -23.61 35.03 15.33
N CYS D 216 -23.25 35.16 16.62
CA CYS D 216 -24.18 34.91 17.71
C CYS D 216 -24.08 36.06 18.71
N ASP D 217 -25.03 36.99 18.62
CA ASP D 217 -25.07 38.15 19.49
C ASP D 217 -23.84 39.03 19.23
N GLU D 218 -22.94 39.14 20.20
CA GLU D 218 -21.78 40.00 20.08
C GLU D 218 -20.50 39.18 19.86
N GLU D 219 -20.63 38.03 19.19
CA GLU D 219 -19.50 37.15 18.90
C GLU D 219 -19.51 36.70 17.45
N VAL D 220 -18.32 36.51 16.88
CA VAL D 220 -18.23 36.00 15.52
C VAL D 220 -17.23 34.86 15.47
N PHE D 221 -17.63 33.79 14.79
CA PHE D 221 -16.75 32.68 14.50
C PHE D 221 -16.68 32.64 12.99
N PHE D 222 -15.48 32.76 12.44
CA PHE D 222 -15.32 32.80 11.00
C PHE D 222 -14.15 31.94 10.55
N ALA D 223 -14.25 31.44 9.34
CA ALA D 223 -13.28 30.48 8.84
C ALA D 223 -12.46 31.06 7.69
N LEU D 224 -11.16 30.84 7.76
CA LEU D 224 -10.27 31.22 6.69
C LEU D 224 -10.15 30.01 5.77
N GLU D 225 -11.27 29.66 5.14
CA GLU D 225 -11.37 28.44 4.36
C GLU D 225 -10.23 28.36 3.34
N ASP D 226 -9.56 27.22 3.30
CA ASP D 226 -8.44 27.06 2.39
C ASP D 226 -8.08 25.60 2.12
N LEU D 227 -8.41 25.13 0.92
CA LEU D 227 -7.88 23.87 0.44
C LEU D 227 -6.59 24.30 -0.26
N ALA D 228 -5.50 23.52 -0.21
CA ALA D 228 -5.45 22.19 0.36
C ALA D 228 -4.96 22.12 1.81
N ALA D 229 -5.29 23.10 2.65
CA ALA D 229 -4.93 22.98 4.06
C ALA D 229 -5.87 21.96 4.68
N ARG D 230 -7.07 21.86 4.10
CA ARG D 230 -8.04 20.86 4.50
C ARG D 230 -7.46 19.47 4.34
N TYR D 231 -6.64 19.27 3.31
CA TYR D 231 -6.03 17.97 3.05
C TYR D 231 -5.20 17.52 4.26
N PHE D 232 -4.68 18.48 5.01
CA PHE D 232 -3.92 18.19 6.21
C PHE D 232 -4.70 18.61 7.45
N ASN D 233 -5.99 18.82 7.26
CA ASN D 233 -6.89 19.22 8.34
C ASN D 233 -6.31 20.35 9.17
N TYR D 234 -5.92 21.43 8.51
CA TYR D 234 -5.25 22.53 9.19
C TYR D 234 -5.70 23.87 8.62
N GLU D 235 -7.01 24.08 8.54
CA GLU D 235 -7.56 25.37 8.16
C GLU D 235 -7.74 26.21 9.42
N THR D 236 -7.39 27.50 9.33
CA THR D 236 -7.40 28.36 10.50
C THR D 236 -8.76 29.06 10.66
N GLN D 237 -9.34 28.91 11.85
CA GLN D 237 -10.63 29.53 12.17
C GLN D 237 -10.51 30.37 13.43
N VAL D 238 -11.27 31.46 13.48
CA VAL D 238 -11.11 32.44 14.55
C VAL D 238 -12.44 32.79 15.22
N TRP D 239 -12.38 32.87 16.55
CA TRP D 239 -13.50 33.32 17.36
C TRP D 239 -13.13 34.65 18.01
N ILE D 240 -13.95 35.69 17.80
CA ILE D 240 -13.71 36.98 18.41
C ILE D 240 -14.95 37.50 19.12
N LYS D 241 -14.76 37.98 20.35
CA LYS D 241 -15.81 38.58 21.14
C LYS D 241 -15.59 40.09 21.16
N ASP D 242 -16.14 40.78 20.17
CA ASP D 242 -15.92 42.22 20.00
C ASP D 242 -16.87 42.78 18.95
N HIS D 243 -17.91 43.48 19.42
CA HIS D 243 -18.98 43.99 18.56
C HIS D 243 -18.52 44.75 17.32
N ARG D 244 -17.30 45.29 17.34
CA ARG D 244 -16.81 46.06 16.19
C ARG D 244 -16.41 45.13 15.04
N VAL D 245 -15.78 44.02 15.38
CA VAL D 245 -15.38 43.04 14.38
C VAL D 245 -16.62 42.31 13.92
N VAL D 246 -17.48 41.99 14.88
CA VAL D 246 -18.75 41.34 14.60
C VAL D 246 -19.56 42.18 13.61
N ALA D 247 -19.52 43.50 13.79
CA ALA D 247 -20.22 44.41 12.90
C ALA D 247 -19.73 44.29 11.45
N LEU D 248 -18.42 44.19 11.26
CA LEU D 248 -17.87 44.02 9.91
C LEU D 248 -18.38 42.75 9.26
N PHE D 249 -18.32 41.65 10.00
CA PHE D 249 -18.74 40.38 9.47
C PHE D 249 -20.25 40.38 9.28
N LYS D 250 -20.95 41.15 10.12
CA LYS D 250 -22.39 41.25 10.03
C LYS D 250 -22.78 42.00 8.76
N GLU D 251 -22.02 43.04 8.40
CA GLU D 251 -22.27 43.75 7.15
C GLU D 251 -22.09 42.80 5.98
N LYS D 252 -21.02 42.01 6.04
CA LYS D 252 -20.69 41.09 4.97
C LYS D 252 -21.71 39.96 4.87
N PHE D 253 -22.18 39.47 6.01
CA PHE D 253 -23.22 38.45 6.01
C PHE D 253 -24.47 38.97 5.29
N ASN D 254 -24.86 40.20 5.60
CA ASN D 254 -26.05 40.79 4.98
C ASN D 254 -25.82 40.99 3.49
N GLU D 255 -24.56 41.08 3.08
CA GLU D 255 -24.22 41.19 1.67
C GLU D 255 -24.46 39.84 1.00
N TYR D 256 -23.97 38.76 1.64
CA TYR D 256 -24.21 37.41 1.14
C TYR D 256 -25.70 37.11 1.13
N TRP D 257 -26.39 37.65 2.14
CA TRP D 257 -27.81 37.39 2.34
C TRP D 257 -28.68 37.84 1.17
N GLU D 258 -28.23 38.88 0.47
CA GLU D 258 -28.96 39.39 -0.68
C GLU D 258 -28.85 38.45 -1.89
N LYS D 259 -29.85 38.53 -2.77
CA LYS D 259 -29.95 37.69 -3.96
C LYS D 259 -30.16 36.21 -3.66
N ALA D 260 -29.42 35.65 -2.70
CA ALA D 260 -29.61 34.26 -2.32
C ALA D 260 -31.10 33.97 -2.12
N GLU D 261 -31.63 33.01 -2.87
CA GLU D 261 -33.04 32.65 -2.79
C GLU D 261 -33.29 31.32 -2.10
N LYS D 262 -34.57 31.00 -1.91
CA LYS D 262 -34.98 29.70 -1.35
C LYS D 262 -34.33 29.44 -0.01
#